data_5TT1
#
_entry.id   5TT1
#
_cell.length_a   190.070
_cell.length_b   53.190
_cell.length_c   66.430
_cell.angle_alpha   90.000
_cell.angle_beta   89.390
_cell.angle_gamma   90.000
#
_symmetry.space_group_name_H-M   'C 1 2 1'
#
loop_
_entity.id
_entity.type
_entity.pdbx_description
1 polymer 'Putative short-chain alcohol dehydrogenase'
2 non-polymer 'SULFATE ION'
3 non-polymer 'NITRATE ION'
4 non-polymer 1,2-ETHANEDIOL
5 water water
#
_entity_poly.entity_id   1
_entity_poly.type   'polypeptide(L)'
_entity_poly.pdbx_seq_one_letter_code
;MAHHHHHHMPDTSDPRPTILLVGASRGLGHAMAAEFLKRGWDVVGTVRADRGRTPLHALAEAYPDRLRIETLDITQPEQI
RALAARLSGRVFDILFVNAGTTNPDPTQTIGEVSTDDFVDLMITNALSPMRVVETLAGLVPRDGLIGIMSSGQGSIADNE
SGQRELYRGSKAALNQFMRSFAARHAQTPLAMVLIAPGWVRTELGGPDARLSIDESVPGVVDVLLAKRGRAGLEYLDYRG
RTVRW
;
_entity_poly.pdbx_strand_id   A,B,C
#
# COMPACT_ATOMS: atom_id res chain seq x y z
N ARG A 16 -6.26 -18.18 -29.61
CA ARG A 16 -5.67 -17.34 -28.57
C ARG A 16 -5.82 -15.85 -28.87
N PRO A 17 -6.18 -15.07 -27.86
CA PRO A 17 -6.28 -13.62 -28.04
C PRO A 17 -4.91 -13.01 -28.31
N THR A 18 -4.92 -11.86 -29.00
CA THR A 18 -3.72 -11.26 -29.55
C THR A 18 -3.62 -9.80 -29.13
N ILE A 19 -2.41 -9.36 -28.79
CA ILE A 19 -2.18 -7.95 -28.52
C ILE A 19 -1.08 -7.43 -29.42
N LEU A 20 -1.29 -6.23 -29.98
CA LEU A 20 -0.27 -5.48 -30.68
C LEU A 20 0.28 -4.45 -29.71
N LEU A 21 1.54 -4.63 -29.29
CA LEU A 21 2.19 -3.85 -28.24
C LEU A 21 3.29 -3.02 -28.89
N VAL A 22 3.03 -1.73 -29.07
CA VAL A 22 4.02 -0.81 -29.66
C VAL A 22 4.94 -0.31 -28.57
N GLY A 23 6.25 -0.50 -28.76
CA GLY A 23 7.22 -0.08 -27.76
C GLY A 23 7.51 -1.15 -26.71
N ALA A 24 7.96 -2.33 -27.16
CA ALA A 24 8.06 -3.49 -26.28
C ALA A 24 9.50 -3.95 -26.04
N SER A 25 10.52 -3.15 -26.41
CA SER A 25 11.89 -3.68 -26.43
C SER A 25 12.42 -3.94 -25.02
N ARG A 26 12.09 -3.08 -24.09
CA ARG A 26 12.79 -3.01 -22.81
C ARG A 26 11.80 -2.55 -21.76
N GLY A 27 12.28 -2.46 -20.52
CA GLY A 27 11.53 -1.81 -19.45
C GLY A 27 10.12 -2.32 -19.32
N LEU A 28 9.18 -1.38 -19.16
CA LEU A 28 7.78 -1.74 -18.94
C LEU A 28 7.18 -2.46 -20.15
N GLY A 29 7.63 -2.11 -21.35
CA GLY A 29 7.07 -2.72 -22.53
C GLY A 29 7.45 -4.17 -22.66
N HIS A 30 8.71 -4.50 -22.38
CA HIS A 30 9.12 -5.89 -22.42
C HIS A 30 8.42 -6.67 -21.33
N ALA A 31 8.28 -6.07 -20.15
CA ALA A 31 7.61 -6.74 -19.05
C ALA A 31 6.15 -7.02 -19.37
N MET A 32 5.47 -6.08 -20.03
CA MET A 32 4.07 -6.31 -20.40
C MET A 32 3.94 -7.41 -21.44
N ALA A 33 4.89 -7.48 -22.38
CA ALA A 33 4.84 -8.57 -23.35
C ALA A 33 4.98 -9.91 -22.65
N ALA A 34 5.93 -10.03 -21.72
CA ALA A 34 6.10 -11.29 -21.00
C ALA A 34 4.87 -11.62 -20.16
N GLU A 35 4.23 -10.60 -19.60
CA GLU A 35 3.07 -10.87 -18.75
C GLU A 35 1.88 -11.33 -19.60
N PHE A 36 1.67 -10.71 -20.77
CA PHE A 36 0.61 -11.19 -21.67
C PHE A 36 0.88 -12.60 -22.16
N LEU A 37 2.15 -12.91 -22.46
CA LEU A 37 2.51 -14.28 -22.83
C LEU A 37 2.21 -15.26 -21.72
N LYS A 38 2.60 -14.93 -20.49
CA LYS A 38 2.32 -15.75 -19.32
C LYS A 38 0.82 -16.08 -19.19
N ARG A 39 -0.05 -15.19 -19.65
CA ARG A 39 -1.48 -15.38 -19.53
C ARG A 39 -2.11 -16.02 -20.77
N GLY A 40 -1.31 -16.48 -21.71
CA GLY A 40 -1.81 -17.21 -22.85
C GLY A 40 -2.18 -16.39 -24.05
N TRP A 41 -1.72 -15.14 -24.14
CA TRP A 41 -1.94 -14.32 -25.32
C TRP A 41 -0.81 -14.50 -26.32
N ASP A 42 -1.13 -14.28 -27.60
CA ASP A 42 -0.11 -14.05 -28.62
C ASP A 42 0.21 -12.57 -28.66
N VAL A 43 1.48 -12.24 -28.90
CA VAL A 43 1.94 -10.85 -28.87
C VAL A 43 2.65 -10.50 -30.17
N VAL A 44 2.33 -9.34 -30.72
CA VAL A 44 3.14 -8.70 -31.74
C VAL A 44 3.69 -7.43 -31.10
N GLY A 45 5.00 -7.37 -30.92
CA GLY A 45 5.63 -6.25 -30.24
C GLY A 45 6.56 -5.51 -31.17
N THR A 46 6.71 -4.20 -30.95
CA THR A 46 7.56 -3.42 -31.82
C THR A 46 8.77 -2.88 -31.08
N VAL A 47 9.87 -2.75 -31.82
N VAL A 47 9.85 -2.69 -31.84
CA VAL A 47 11.12 -2.15 -31.36
CA VAL A 47 11.13 -2.17 -31.34
C VAL A 47 11.64 -1.28 -32.48
C VAL A 47 11.76 -1.38 -32.48
N ARG A 48 12.59 -0.39 -32.14
CA ARG A 48 13.38 0.28 -33.16
C ARG A 48 14.37 -0.70 -33.78
N ALA A 49 14.57 -0.57 -35.10
CA ALA A 49 15.47 -1.48 -35.78
C ALA A 49 16.93 -1.16 -35.50
N ASP A 50 17.24 0.10 -35.19
CA ASP A 50 18.62 0.54 -34.96
C ASP A 50 19.05 0.35 -33.51
N ARG A 51 18.60 -0.74 -32.90
CA ARG A 51 19.13 -1.29 -31.66
C ARG A 51 19.77 -2.63 -31.97
N GLY A 52 20.83 -2.98 -31.25
CA GLY A 52 21.52 -4.22 -31.52
C GLY A 52 20.72 -5.46 -31.15
N ARG A 53 20.45 -5.61 -29.87
CA ARG A 53 19.64 -6.72 -29.37
CA ARG A 53 19.66 -6.74 -29.35
C ARG A 53 19.00 -6.30 -28.06
N THR A 54 17.71 -6.55 -27.93
CA THR A 54 16.95 -6.09 -26.78
C THR A 54 16.41 -7.27 -25.98
N PRO A 55 15.99 -7.05 -24.73
CA PRO A 55 15.23 -8.09 -24.01
C PRO A 55 14.07 -8.66 -24.81
N LEU A 56 13.42 -7.89 -25.68
CA LEU A 56 12.32 -8.47 -26.46
C LEU A 56 12.83 -9.57 -27.39
N HIS A 57 14.04 -9.43 -27.92
CA HIS A 57 14.59 -10.50 -28.76
C HIS A 57 14.85 -11.75 -27.95
N ALA A 58 15.34 -11.60 -26.73
CA ALA A 58 15.49 -12.75 -25.84
C ALA A 58 14.13 -13.40 -25.56
N LEU A 59 13.10 -12.59 -25.38
CA LEU A 59 11.78 -13.13 -25.06
C LEU A 59 11.22 -13.92 -26.24
N ALA A 60 11.50 -13.46 -27.47
CA ALA A 60 11.03 -14.19 -28.63
C ALA A 60 11.72 -15.54 -28.76
N GLU A 61 12.96 -15.65 -28.29
CA GLU A 61 13.63 -16.94 -28.30
C GLU A 61 12.99 -17.90 -27.32
N ALA A 62 12.44 -17.38 -26.21
CA ALA A 62 11.73 -18.25 -25.28
C ALA A 62 10.31 -18.56 -25.74
N TYR A 63 9.70 -17.70 -26.57
CA TYR A 63 8.33 -17.87 -27.04
C TYR A 63 8.26 -17.77 -28.57
N PRO A 64 8.99 -18.64 -29.29
CA PRO A 64 9.10 -18.46 -30.74
C PRO A 64 7.79 -18.68 -31.49
N ASP A 65 6.83 -19.38 -30.90
CA ASP A 65 5.54 -19.61 -31.54
C ASP A 65 4.50 -18.53 -31.22
N ARG A 66 4.72 -17.69 -30.22
CA ARG A 66 3.66 -16.80 -29.76
C ARG A 66 4.03 -15.33 -29.71
N LEU A 67 5.30 -14.96 -29.87
CA LEU A 67 5.73 -13.58 -29.95
C LEU A 67 6.37 -13.29 -31.31
N ARG A 68 5.85 -12.26 -31.98
CA ARG A 68 6.39 -11.76 -33.24
C ARG A 68 6.93 -10.36 -33.00
N ILE A 69 8.09 -10.05 -33.58
CA ILE A 69 8.69 -8.72 -33.44
C ILE A 69 8.59 -8.00 -34.78
N GLU A 70 8.15 -6.75 -34.73
CA GLU A 70 8.13 -5.85 -35.88
C GLU A 70 8.97 -4.63 -35.53
N THR A 71 9.65 -4.07 -36.52
CA THR A 71 10.46 -2.90 -36.22
C THR A 71 9.77 -1.64 -36.72
N LEU A 72 9.95 -0.56 -35.97
CA LEU A 72 9.18 0.67 -36.19
C LEU A 72 9.78 1.82 -35.39
N ASP A 73 10.09 2.93 -36.05
CA ASP A 73 10.33 4.21 -35.37
C ASP A 73 9.02 4.99 -35.45
N ILE A 74 8.36 5.19 -34.30
CA ILE A 74 7.05 5.84 -34.35
C ILE A 74 7.13 7.34 -34.57
N THR A 75 8.32 7.95 -34.54
CA THR A 75 8.39 9.36 -34.89
C THR A 75 8.40 9.60 -36.40
N GLN A 76 8.31 8.52 -37.21
CA GLN A 76 8.19 8.62 -38.66
C GLN A 76 6.82 8.11 -39.07
N PRO A 77 5.87 8.98 -39.42
CA PRO A 77 4.51 8.49 -39.68
C PRO A 77 4.44 7.49 -40.81
N GLU A 78 5.33 7.59 -41.80
CA GLU A 78 5.31 6.64 -42.90
C GLU A 78 5.54 5.22 -42.40
N GLN A 79 6.37 5.05 -41.37
CA GLN A 79 6.63 3.73 -40.83
C GLN A 79 5.43 3.15 -40.10
N ILE A 80 4.69 3.99 -39.37
CA ILE A 80 3.45 3.53 -38.74
C ILE A 80 2.46 3.08 -39.82
N ARG A 81 2.32 3.87 -40.88
CA ARG A 81 1.44 3.48 -41.99
C ARG A 81 1.90 2.18 -42.66
N ALA A 82 3.21 1.99 -42.80
CA ALA A 82 3.74 0.78 -43.42
C ALA A 82 3.45 -0.44 -42.55
N LEU A 83 3.56 -0.27 -41.23
CA LEU A 83 3.20 -1.35 -40.32
C LEU A 83 1.70 -1.67 -40.42
N ALA A 84 0.86 -0.64 -40.48
CA ALA A 84 -0.58 -0.88 -40.60
C ALA A 84 -0.89 -1.63 -41.89
N ALA A 85 -0.20 -1.30 -42.98
CA ALA A 85 -0.44 -1.97 -44.24
C ALA A 85 0.02 -3.43 -44.18
N ARG A 86 1.15 -3.67 -43.53
CA ARG A 86 1.68 -5.03 -43.37
C ARG A 86 0.75 -5.90 -42.54
N LEU A 87 0.15 -5.33 -41.50
CA LEU A 87 -0.74 -6.07 -40.63
C LEU A 87 -2.19 -6.11 -41.12
N SER A 88 -2.50 -5.43 -42.22
CA SER A 88 -3.87 -5.33 -42.68
C SER A 88 -4.51 -6.70 -42.83
N GLY A 89 -5.78 -6.79 -42.45
CA GLY A 89 -6.49 -8.04 -42.40
C GLY A 89 -6.40 -8.74 -41.06
N ARG A 90 -5.32 -8.49 -40.32
CA ARG A 90 -5.14 -9.04 -38.99
C ARG A 90 -5.96 -8.26 -37.98
N VAL A 91 -6.46 -8.97 -36.97
CA VAL A 91 -7.34 -8.41 -35.95
C VAL A 91 -6.70 -8.65 -34.59
N PHE A 92 -6.50 -7.57 -33.84
CA PHE A 92 -5.92 -7.66 -32.50
C PHE A 92 -6.98 -7.27 -31.47
N ASP A 93 -7.09 -8.06 -30.40
CA ASP A 93 -8.04 -7.74 -29.35
C ASP A 93 -7.61 -6.51 -28.58
N ILE A 94 -6.32 -6.31 -28.40
CA ILE A 94 -5.81 -5.11 -27.73
C ILE A 94 -4.75 -4.48 -28.61
N LEU A 95 -4.83 -3.15 -28.76
CA LEU A 95 -3.70 -2.34 -29.20
C LEU A 95 -3.21 -1.57 -27.98
N PHE A 96 -1.95 -1.74 -27.62
CA PHE A 96 -1.40 -0.96 -26.51
C PHE A 96 -0.19 -0.19 -26.98
N VAL A 97 -0.22 1.13 -26.75
CA VAL A 97 0.85 2.02 -27.18
C VAL A 97 1.66 2.41 -25.96
N ASN A 98 2.93 2.02 -25.96
CA ASN A 98 3.86 2.26 -24.88
C ASN A 98 4.97 3.13 -25.46
N ALA A 99 4.66 4.42 -25.60
CA ALA A 99 5.55 5.34 -26.31
C ALA A 99 5.80 6.57 -25.45
N GLY A 100 7.05 6.96 -25.33
CA GLY A 100 7.39 8.16 -24.60
C GLY A 100 8.77 8.05 -23.97
N THR A 101 9.29 9.20 -23.57
CA THR A 101 10.57 9.23 -22.89
C THR A 101 10.54 10.41 -21.92
N THR A 102 11.70 10.75 -21.39
CA THR A 102 11.85 11.86 -20.46
C THR A 102 12.97 12.76 -20.94
N ASN A 103 13.05 13.97 -20.39
CA ASN A 103 14.23 14.78 -20.61
C ASN A 103 15.37 14.30 -19.70
N PRO A 104 16.62 14.36 -20.17
CA PRO A 104 17.73 13.91 -19.31
C PRO A 104 17.87 14.67 -18.00
N ASP A 105 17.41 15.93 -17.95
CA ASP A 105 17.40 16.69 -16.69
CA ASP A 105 17.41 16.73 -16.72
C ASP A 105 15.96 17.08 -16.40
N PRO A 106 15.23 16.20 -15.73
CA PRO A 106 13.81 16.48 -15.46
C PRO A 106 13.59 17.62 -14.49
N THR A 107 14.63 18.09 -13.78
CA THR A 107 14.48 19.20 -12.86
C THR A 107 14.42 20.56 -13.53
N GLN A 108 14.55 20.63 -14.86
CA GLN A 108 14.38 21.91 -15.55
C GLN A 108 12.96 22.44 -15.39
N THR A 109 12.85 23.75 -15.11
CA THR A 109 11.56 24.41 -15.16
C THR A 109 11.16 24.66 -16.61
N ILE A 110 9.85 24.87 -16.85
CA ILE A 110 9.40 25.15 -18.20
C ILE A 110 10.09 26.39 -18.75
N GLY A 111 10.38 27.37 -17.88
CA GLY A 111 11.09 28.56 -18.32
C GLY A 111 12.52 28.31 -18.71
N GLU A 112 13.09 27.19 -18.25
CA GLU A 112 14.50 26.89 -18.48
C GLU A 112 14.75 26.03 -19.73
N VAL A 113 13.77 25.22 -20.15
CA VAL A 113 14.05 24.22 -21.17
C VAL A 113 14.40 24.89 -22.50
N SER A 114 15.22 24.22 -23.31
CA SER A 114 15.47 24.75 -24.64
C SER A 114 14.26 24.50 -25.53
N THR A 115 14.16 25.26 -26.61
CA THR A 115 13.09 25.00 -27.57
C THR A 115 13.20 23.58 -28.13
N ASP A 116 14.44 23.08 -28.31
CA ASP A 116 14.65 21.71 -28.78
C ASP A 116 14.14 20.68 -27.75
N ASP A 117 14.51 20.87 -26.48
CA ASP A 117 13.96 20.06 -25.39
C ASP A 117 12.44 19.97 -25.50
N PHE A 118 11.80 21.12 -25.64
CA PHE A 118 10.33 21.17 -25.58
C PHE A 118 9.71 20.49 -26.78
N VAL A 119 10.19 20.83 -27.98
CA VAL A 119 9.65 20.25 -29.21
C VAL A 119 9.85 18.75 -29.22
N ASP A 120 11.08 18.29 -28.94
CA ASP A 120 11.37 16.86 -28.99
C ASP A 120 10.45 16.06 -28.09
N LEU A 121 10.30 16.49 -26.82
CA LEU A 121 9.49 15.70 -25.89
C LEU A 121 7.99 15.80 -26.19
N MET A 122 7.52 16.94 -26.70
CA MET A 122 6.12 17.04 -27.09
C MET A 122 5.82 16.11 -28.27
N ILE A 123 6.78 16.00 -29.19
CA ILE A 123 6.60 15.09 -30.33
C ILE A 123 6.65 13.64 -29.87
N THR A 124 7.64 13.27 -29.07
CA THR A 124 7.76 11.86 -28.70
C THR A 124 6.63 11.44 -27.76
N ASN A 125 6.16 12.34 -26.88
CA ASN A 125 5.26 11.92 -25.81
C ASN A 125 3.79 12.21 -26.09
N ALA A 126 3.47 13.14 -26.99
CA ALA A 126 2.07 13.47 -27.24
C ALA A 126 1.68 13.29 -28.69
N LEU A 127 2.46 13.82 -29.65
CA LEU A 127 2.04 13.70 -31.04
C LEU A 127 2.21 12.26 -31.55
N SER A 128 3.37 11.67 -31.32
CA SER A 128 3.67 10.35 -31.89
C SER A 128 2.81 9.23 -31.31
N PRO A 129 2.58 9.13 -29.99
CA PRO A 129 1.64 8.08 -29.54
C PRO A 129 0.25 8.27 -30.10
N MET A 130 -0.22 9.51 -30.23
CA MET A 130 -1.53 9.70 -30.83
C MET A 130 -1.55 9.29 -32.30
N ARG A 131 -0.44 9.51 -33.03
CA ARG A 131 -0.42 9.06 -34.41
C ARG A 131 -0.44 7.53 -34.49
N VAL A 132 0.20 6.86 -33.52
CA VAL A 132 0.13 5.40 -33.49
C VAL A 132 -1.31 4.95 -33.29
N VAL A 133 -1.99 5.53 -32.31
CA VAL A 133 -3.39 5.18 -32.03
C VAL A 133 -4.25 5.37 -33.28
N GLU A 134 -4.18 6.57 -33.90
CA GLU A 134 -5.05 6.89 -35.02
C GLU A 134 -4.77 5.98 -36.24
N THR A 135 -3.51 5.63 -36.47
CA THR A 135 -3.14 4.88 -37.67
C THR A 135 -3.40 3.38 -37.50
N LEU A 136 -3.18 2.84 -36.30
CA LEU A 136 -3.34 1.42 -36.05
C LEU A 136 -4.70 1.08 -35.44
N ALA A 137 -5.55 2.09 -35.19
CA ALA A 137 -6.89 1.82 -34.65
C ALA A 137 -7.68 0.84 -35.51
N GLY A 138 -7.44 0.83 -36.82
CA GLY A 138 -8.19 -0.05 -37.72
C GLY A 138 -7.89 -1.52 -37.57
N LEU A 139 -6.83 -1.87 -36.84
CA LEU A 139 -6.45 -3.26 -36.59
C LEU A 139 -7.09 -3.81 -35.32
N VAL A 140 -8.01 -3.08 -34.73
CA VAL A 140 -8.73 -3.47 -33.52
C VAL A 140 -10.20 -3.59 -33.90
N PRO A 141 -10.96 -4.56 -33.39
CA PRO A 141 -12.40 -4.59 -33.67
C PRO A 141 -13.09 -3.36 -33.12
N ARG A 142 -14.29 -3.09 -33.65
CA ARG A 142 -15.05 -1.93 -33.21
C ARG A 142 -15.32 -1.96 -31.70
N ASP A 143 -15.38 -3.16 -31.11
CA ASP A 143 -15.54 -3.32 -29.67
C ASP A 143 -14.23 -3.70 -28.98
N GLY A 144 -13.10 -3.46 -29.64
CA GLY A 144 -11.82 -3.81 -29.08
C GLY A 144 -11.32 -2.77 -28.10
N LEU A 145 -10.10 -2.99 -27.62
CA LEU A 145 -9.47 -2.15 -26.61
C LEU A 145 -8.23 -1.48 -27.18
N ILE A 146 -8.13 -0.17 -26.99
CA ILE A 146 -6.90 0.59 -27.26
C ILE A 146 -6.43 1.16 -25.94
N GLY A 147 -5.21 0.82 -25.54
CA GLY A 147 -4.61 1.37 -24.34
C GLY A 147 -3.36 2.15 -24.68
N ILE A 148 -3.11 3.21 -23.90
CA ILE A 148 -1.94 4.07 -24.08
C ILE A 148 -1.30 4.25 -22.72
N MET A 149 0.03 4.13 -22.67
CA MET A 149 0.77 4.42 -21.44
C MET A 149 0.80 5.92 -21.22
N SER A 150 0.12 6.38 -20.18
CA SER A 150 0.20 7.77 -19.75
C SER A 150 1.06 7.81 -18.49
N SER A 151 0.73 8.67 -17.54
CA SER A 151 1.46 8.73 -16.28
C SER A 151 0.58 9.43 -15.27
N GLY A 152 0.78 9.09 -13.99
CA GLY A 152 0.18 9.88 -12.93
C GLY A 152 0.63 11.32 -12.95
N GLN A 153 1.80 11.60 -13.55
CA GLN A 153 2.29 12.97 -13.70
C GLN A 153 1.45 13.77 -14.69
N GLY A 154 0.67 13.12 -15.53
CA GLY A 154 -0.16 13.80 -16.48
C GLY A 154 -1.45 14.37 -15.93
N SER A 155 -1.85 13.94 -14.74
CA SER A 155 -3.07 14.45 -14.12
C SER A 155 -2.89 15.91 -13.74
N ILE A 156 -3.78 16.78 -14.22
CA ILE A 156 -3.69 18.19 -13.84
C ILE A 156 -4.28 18.41 -12.45
N ALA A 157 -5.42 17.76 -12.14
CA ALA A 157 -5.97 17.90 -10.80
C ALA A 157 -4.96 17.48 -9.73
N ASP A 158 -4.17 16.44 -10.00
CA ASP A 158 -3.26 15.91 -8.98
C ASP A 158 -1.94 16.67 -8.87
N ASN A 159 -1.68 17.65 -9.73
CA ASN A 159 -0.36 18.30 -9.77
C ASN A 159 -0.32 19.40 -8.70
N GLU A 160 -0.03 18.96 -7.48
CA GLU A 160 0.17 19.86 -6.35
C GLU A 160 1.63 20.18 -6.09
N SER A 161 2.56 19.38 -6.62
CA SER A 161 3.96 19.46 -6.25
C SER A 161 4.89 19.86 -7.39
N GLY A 162 4.40 19.92 -8.63
CA GLY A 162 5.30 20.22 -9.73
C GLY A 162 6.37 19.16 -9.88
N GLN A 163 7.59 19.61 -10.24
CA GLN A 163 8.73 18.76 -10.60
CA GLN A 163 8.73 18.76 -10.60
C GLN A 163 8.46 18.04 -11.92
N ARG A 164 9.52 17.59 -12.60
CA ARG A 164 9.40 16.93 -13.90
C ARG A 164 8.50 17.74 -14.84
N GLU A 165 8.77 19.05 -14.92
CA GLU A 165 7.78 19.96 -15.47
C GLU A 165 7.49 19.69 -16.94
N LEU A 166 8.53 19.46 -17.74
CA LEU A 166 8.28 19.25 -19.17
C LEU A 166 7.52 17.96 -19.40
N TYR A 167 7.93 16.90 -18.69
CA TYR A 167 7.27 15.60 -18.77
C TYR A 167 5.79 15.72 -18.41
N ARG A 168 5.47 16.42 -17.32
CA ARG A 168 4.08 16.57 -16.92
C ARG A 168 3.24 17.21 -18.02
N GLY A 169 3.77 18.24 -18.66
CA GLY A 169 2.99 18.91 -19.69
C GLY A 169 2.79 18.02 -20.89
N SER A 170 3.79 17.21 -21.24
CA SER A 170 3.67 16.31 -22.38
C SER A 170 2.57 15.28 -22.14
N LYS A 171 2.47 14.79 -20.91
CA LYS A 171 1.49 13.76 -20.60
C LYS A 171 0.08 14.34 -20.42
N ALA A 172 -0.04 15.58 -19.95
CA ALA A 172 -1.37 16.19 -19.91
C ALA A 172 -1.89 16.44 -21.32
N ALA A 173 -1.03 16.87 -22.24
CA ALA A 173 -1.44 17.02 -23.63
C ALA A 173 -1.87 15.68 -24.22
N LEU A 174 -1.09 14.64 -23.96
CA LEU A 174 -1.49 13.29 -24.40
C LEU A 174 -2.88 12.95 -23.90
N ASN A 175 -3.13 13.10 -22.59
CA ASN A 175 -4.42 12.72 -22.04
C ASN A 175 -5.55 13.52 -22.69
N GLN A 176 -5.32 14.80 -22.94
CA GLN A 176 -6.35 15.62 -23.59
C GLN A 176 -6.58 15.16 -25.03
N PHE A 177 -5.51 14.93 -25.77
CA PHE A 177 -5.64 14.43 -27.14
C PHE A 177 -6.47 13.15 -27.16
N MET A 178 -6.19 12.24 -26.22
CA MET A 178 -6.91 10.98 -26.19
C MET A 178 -8.39 11.19 -25.86
N ARG A 179 -8.70 12.14 -24.95
CA ARG A 179 -10.11 12.41 -24.67
C ARG A 179 -10.84 12.88 -25.93
N SER A 180 -10.19 13.68 -26.77
CA SER A 180 -10.88 14.10 -27.99
C SER A 180 -11.07 12.92 -28.93
N PHE A 181 -10.06 12.07 -29.08
CA PHE A 181 -10.21 10.84 -29.84
C PHE A 181 -11.38 10.01 -29.32
N ALA A 182 -11.52 9.92 -27.99
CA ALA A 182 -12.63 9.19 -27.42
C ALA A 182 -13.97 9.81 -27.80
N ALA A 183 -14.04 11.13 -27.79
CA ALA A 183 -15.28 11.81 -28.19
C ALA A 183 -15.71 11.40 -29.59
N ARG A 184 -14.74 11.25 -30.49
CA ARG A 184 -15.05 10.82 -31.86
C ARG A 184 -15.59 9.41 -31.92
N HIS A 185 -15.39 8.61 -30.87
CA HIS A 185 -15.87 7.24 -30.83
C HIS A 185 -17.00 7.07 -29.82
N ALA A 186 -17.61 8.16 -29.39
CA ALA A 186 -18.60 8.10 -28.31
C ALA A 186 -19.80 7.24 -28.67
N GLN A 187 -20.14 7.15 -29.96
CA GLN A 187 -21.28 6.34 -30.37
C GLN A 187 -20.93 4.87 -30.59
N THR A 188 -19.68 4.48 -30.38
CA THR A 188 -19.20 3.14 -30.67
C THR A 188 -18.91 2.38 -29.38
N PRO A 189 -18.73 1.06 -29.46
CA PRO A 189 -18.38 0.30 -28.24
C PRO A 189 -16.88 0.16 -28.02
N LEU A 190 -16.08 0.99 -28.66
CA LEU A 190 -14.64 0.91 -28.47
C LEU A 190 -14.27 1.18 -27.02
N ALA A 191 -13.42 0.33 -26.46
CA ALA A 191 -12.90 0.50 -25.12
C ALA A 191 -11.53 1.15 -25.21
N MET A 192 -11.27 2.15 -24.35
CA MET A 192 -10.01 2.88 -24.37
C MET A 192 -9.53 3.14 -22.96
N VAL A 193 -8.21 3.13 -22.74
CA VAL A 193 -7.68 3.39 -21.41
C VAL A 193 -6.32 4.07 -21.49
N LEU A 194 -6.16 5.13 -20.70
CA LEU A 194 -4.88 5.75 -20.38
C LEU A 194 -4.39 5.16 -19.06
N ILE A 195 -3.21 4.55 -19.06
CA ILE A 195 -2.71 3.81 -17.91
C ILE A 195 -1.69 4.67 -17.18
N ALA A 196 -1.85 4.77 -15.85
CA ALA A 196 -0.85 5.35 -14.96
C ALA A 196 -0.12 4.20 -14.27
N PRO A 197 1.09 3.84 -14.69
CA PRO A 197 1.70 2.58 -14.20
C PRO A 197 2.13 2.62 -12.74
N GLY A 198 2.20 3.80 -12.14
CA GLY A 198 2.56 3.91 -10.72
C GLY A 198 4.04 3.76 -10.44
N SER A 212 9.47 -4.36 -8.28
CA SER A 212 9.44 -3.09 -8.99
C SER A 212 8.44 -3.15 -10.15
N ILE A 213 8.94 -3.52 -11.33
CA ILE A 213 8.04 -3.82 -12.45
C ILE A 213 7.13 -4.99 -12.08
N ASP A 214 7.63 -5.94 -11.30
CA ASP A 214 6.81 -7.06 -10.86
C ASP A 214 5.66 -6.62 -9.98
N GLU A 215 5.75 -5.45 -9.36
CA GLU A 215 4.63 -4.93 -8.59
C GLU A 215 3.64 -4.17 -9.46
N SER A 216 4.07 -3.63 -10.59
CA SER A 216 3.24 -2.75 -11.41
C SER A 216 2.63 -3.46 -12.61
N VAL A 217 3.42 -4.27 -13.30
CA VAL A 217 3.03 -4.80 -14.61
C VAL A 217 1.89 -5.81 -14.49
N PRO A 218 1.91 -6.78 -13.55
CA PRO A 218 0.75 -7.67 -13.42
C PRO A 218 -0.55 -6.91 -13.18
N GLY A 219 -0.49 -5.82 -12.43
CA GLY A 219 -1.68 -5.00 -12.24
C GLY A 219 -2.13 -4.32 -13.52
N VAL A 220 -1.18 -3.70 -14.23
CA VAL A 220 -1.50 -3.04 -15.49
C VAL A 220 -2.22 -4.02 -16.42
N VAL A 221 -1.76 -5.26 -16.46
CA VAL A 221 -2.36 -6.24 -17.36
C VAL A 221 -3.73 -6.68 -16.84
N ASP A 222 -3.84 -6.88 -15.52
CA ASP A 222 -5.17 -7.08 -14.91
C ASP A 222 -6.14 -6.00 -15.34
N VAL A 223 -5.70 -4.74 -15.31
CA VAL A 223 -6.57 -3.60 -15.62
C VAL A 223 -6.96 -3.63 -17.09
N LEU A 224 -6.01 -3.90 -17.98
CA LEU A 224 -6.32 -4.00 -19.40
C LEU A 224 -7.32 -5.12 -19.64
N LEU A 225 -7.07 -6.30 -19.08
CA LEU A 225 -7.99 -7.42 -19.27
C LEU A 225 -9.37 -7.11 -18.72
N ALA A 226 -9.43 -6.44 -17.56
CA ALA A 226 -10.71 -6.09 -16.96
C ALA A 226 -11.42 -4.96 -17.71
N LYS A 227 -10.71 -4.25 -18.58
CA LYS A 227 -11.30 -3.13 -19.31
C LYS A 227 -11.90 -3.56 -20.64
N ARG A 228 -11.43 -4.68 -21.21
CA ARG A 228 -12.04 -5.22 -22.42
C ARG A 228 -13.55 -5.29 -22.29
N GLY A 229 -14.24 -4.78 -23.31
CA GLY A 229 -15.69 -4.86 -23.36
C GLY A 229 -16.43 -3.78 -22.61
N ARG A 230 -15.71 -2.86 -21.95
CA ARG A 230 -16.31 -1.73 -21.25
CA ARG A 230 -16.33 -1.73 -21.25
C ARG A 230 -16.03 -0.48 -22.07
N ALA A 231 -17.03 -0.03 -22.82
CA ALA A 231 -16.84 1.01 -23.82
C ALA A 231 -16.52 2.37 -23.21
N GLY A 232 -15.77 3.17 -23.95
CA GLY A 232 -15.40 4.51 -23.55
C GLY A 232 -14.01 4.57 -22.95
N LEU A 233 -13.53 5.81 -22.81
CA LEU A 233 -12.18 6.06 -22.32
C LEU A 233 -12.20 6.27 -20.81
N GLU A 234 -11.28 5.60 -20.11
CA GLU A 234 -11.01 5.87 -18.71
C GLU A 234 -9.51 6.11 -18.51
N TYR A 235 -9.20 6.82 -17.43
CA TYR A 235 -7.84 7.13 -16.97
C TYR A 235 -7.65 6.31 -15.69
N LEU A 236 -6.83 5.27 -15.76
CA LEU A 236 -6.80 4.23 -14.73
C LEU A 236 -5.37 3.91 -14.32
N ASP A 237 -5.16 3.67 -13.04
CA ASP A 237 -3.84 3.28 -12.59
C ASP A 237 -3.72 1.76 -12.55
N TYR A 238 -2.55 1.28 -12.12
CA TYR A 238 -2.23 -0.13 -12.18
C TYR A 238 -3.04 -0.96 -11.19
N ARG A 239 -3.71 -0.33 -10.22
CA ARG A 239 -4.65 -1.04 -9.37
C ARG A 239 -6.08 -0.88 -9.87
N GLY A 240 -6.30 -0.15 -10.96
CA GLY A 240 -7.62 -0.01 -11.51
C GLY A 240 -8.41 1.15 -10.96
N ARG A 241 -7.77 2.06 -10.23
CA ARG A 241 -8.46 3.21 -9.66
C ARG A 241 -8.48 4.36 -10.65
N THR A 242 -9.58 5.11 -10.66
CA THR A 242 -9.70 6.23 -11.56
C THR A 242 -8.72 7.33 -11.16
N VAL A 243 -7.92 7.79 -12.11
CA VAL A 243 -7.04 8.92 -11.90
C VAL A 243 -7.78 10.19 -12.31
N ARG A 244 -7.75 11.20 -11.45
CA ARG A 244 -8.37 12.46 -11.82
C ARG A 244 -7.65 13.05 -13.02
N TRP A 245 -8.40 13.67 -13.93
CA TRP A 245 -7.80 14.27 -15.10
C TRP A 245 -6.89 15.44 -14.74
N PRO B 15 0.02 -42.23 3.64
CA PRO B 15 -0.75 -41.27 4.46
C PRO B 15 0.08 -40.05 4.82
N ARG B 16 0.50 -39.28 3.82
CA ARG B 16 1.43 -38.18 4.07
C ARG B 16 0.70 -36.99 4.69
N PRO B 17 1.38 -36.22 5.55
CA PRO B 17 0.80 -34.98 6.06
C PRO B 17 0.66 -33.95 4.95
N THR B 18 -0.29 -33.03 5.13
CA THR B 18 -0.69 -32.11 4.08
CA THR B 18 -0.65 -32.11 4.06
C THR B 18 -0.64 -30.68 4.58
N ILE B 19 -0.21 -29.76 3.73
CA ILE B 19 -0.17 -28.34 4.03
C ILE B 19 -1.06 -27.61 3.02
N LEU B 20 -1.85 -26.68 3.53
CA LEU B 20 -2.60 -25.74 2.69
C LEU B 20 -1.77 -24.47 2.64
N LEU B 21 -1.15 -24.24 1.49
CA LEU B 21 -0.22 -23.13 1.28
C LEU B 21 -0.94 -22.08 0.45
N VAL B 22 -1.37 -21.01 1.10
CA VAL B 22 -2.05 -19.92 0.41
C VAL B 22 -0.99 -18.94 -0.08
N GLY B 23 -1.00 -18.67 -1.39
CA GLY B 23 0.05 -17.89 -2.02
C GLY B 23 1.24 -18.75 -2.39
N ALA B 24 1.03 -19.80 -3.18
CA ALA B 24 2.06 -20.83 -3.36
C ALA B 24 2.97 -20.57 -4.54
N SER B 25 2.90 -19.39 -5.16
CA SER B 25 3.78 -19.07 -6.28
C SER B 25 4.66 -17.85 -6.00
N ARG B 26 4.06 -16.71 -5.70
CA ARG B 26 4.83 -15.47 -5.59
C ARG B 26 5.68 -15.45 -4.32
N GLY B 27 6.72 -14.62 -4.36
CA GLY B 27 7.63 -14.54 -3.22
C GLY B 27 8.35 -15.86 -2.99
N LEU B 28 8.34 -16.30 -1.74
CA LEU B 28 8.88 -17.60 -1.33
C LEU B 28 7.89 -18.74 -1.53
N GLY B 29 6.73 -18.46 -2.12
CA GLY B 29 5.66 -19.46 -2.15
C GLY B 29 6.04 -20.71 -2.92
N HIS B 30 6.57 -20.54 -4.13
CA HIS B 30 6.97 -21.70 -4.91
C HIS B 30 8.04 -22.51 -4.19
N ALA B 31 9.05 -21.83 -3.67
CA ALA B 31 10.12 -22.51 -2.95
C ALA B 31 9.58 -23.29 -1.76
N MET B 32 8.59 -22.74 -1.06
CA MET B 32 8.02 -23.44 0.08
C MET B 32 7.24 -24.68 -0.36
N ALA B 33 6.47 -24.57 -1.45
CA ALA B 33 5.80 -25.76 -1.98
C ALA B 33 6.80 -26.84 -2.34
N ALA B 34 7.87 -26.47 -3.06
CA ALA B 34 8.88 -27.45 -3.46
C ALA B 34 9.57 -28.04 -2.24
N GLU B 35 9.88 -27.21 -1.24
CA GLU B 35 10.58 -27.72 -0.06
C GLU B 35 9.70 -28.68 0.72
N PHE B 36 8.40 -28.39 0.81
CA PHE B 36 7.51 -29.29 1.54
C PHE B 36 7.36 -30.62 0.82
N LEU B 37 7.27 -30.60 -0.51
CA LEU B 37 7.30 -31.84 -1.28
C LEU B 37 8.57 -32.64 -1.01
N LYS B 38 9.72 -31.95 -0.92
CA LYS B 38 10.98 -32.61 -0.65
C LYS B 38 10.97 -33.31 0.70
N ARG B 39 10.30 -32.70 1.69
CA ARG B 39 10.18 -33.27 3.03
C ARG B 39 9.14 -34.39 3.11
N GLY B 40 8.46 -34.72 2.02
CA GLY B 40 7.51 -35.80 2.01
C GLY B 40 6.08 -35.41 2.32
N TRP B 41 5.75 -34.13 2.18
CA TRP B 41 4.40 -33.65 2.41
C TRP B 41 3.63 -33.58 1.09
N ASP B 42 2.32 -33.66 1.20
CA ASP B 42 1.44 -33.25 0.12
C ASP B 42 1.12 -31.77 0.29
N VAL B 43 0.91 -31.08 -0.84
CA VAL B 43 0.68 -29.64 -0.84
C VAL B 43 -0.60 -29.33 -1.61
N VAL B 44 -1.47 -28.54 -1.01
CA VAL B 44 -2.53 -27.83 -1.73
C VAL B 44 -2.12 -26.36 -1.71
N GLY B 45 -1.77 -25.84 -2.87
CA GLY B 45 -1.32 -24.47 -3.00
C GLY B 45 -2.34 -23.63 -3.73
N THR B 46 -2.41 -22.35 -3.39
CA THR B 46 -3.32 -21.46 -4.09
C THR B 46 -2.58 -20.37 -4.83
N VAL B 47 -3.15 -19.99 -5.96
CA VAL B 47 -2.73 -18.85 -6.74
C VAL B 47 -3.98 -18.13 -7.22
N ARG B 48 -3.79 -16.90 -7.68
CA ARG B 48 -4.82 -16.25 -8.48
C ARG B 48 -4.80 -16.86 -9.86
N ALA B 49 -5.90 -17.49 -10.26
CA ALA B 49 -5.90 -18.18 -11.55
C ALA B 49 -5.80 -17.18 -12.71
N ASP B 50 -6.27 -15.94 -12.50
CA ASP B 50 -6.18 -14.97 -13.59
C ASP B 50 -4.74 -14.53 -13.87
N ARG B 51 -3.80 -14.84 -12.99
CA ARG B 51 -2.43 -14.39 -13.13
C ARG B 51 -1.58 -15.28 -14.03
N GLY B 52 -2.12 -16.38 -14.54
CA GLY B 52 -1.47 -17.08 -15.63
C GLY B 52 -0.56 -18.21 -15.19
N ARG B 53 0.22 -18.69 -16.15
CA ARG B 53 1.07 -19.85 -15.95
C ARG B 53 2.28 -19.52 -15.09
N THR B 54 2.47 -20.28 -14.01
CA THR B 54 3.61 -20.08 -13.11
C THR B 54 4.49 -21.33 -13.08
N PRO B 55 5.71 -21.25 -12.57
CA PRO B 55 6.49 -22.48 -12.36
C PRO B 55 5.86 -23.42 -11.35
N LEU B 56 4.97 -22.93 -10.48
CA LEU B 56 4.18 -23.84 -9.65
C LEU B 56 3.35 -24.78 -10.51
N HIS B 57 2.79 -24.28 -11.62
CA HIS B 57 1.99 -25.14 -12.49
C HIS B 57 2.86 -26.24 -13.10
N ALA B 58 4.10 -25.91 -13.48
CA ALA B 58 5.00 -26.95 -13.97
C ALA B 58 5.30 -27.95 -12.88
N LEU B 59 5.47 -27.48 -11.63
CA LEU B 59 5.74 -28.39 -10.53
C LEU B 59 4.56 -29.31 -10.24
N ALA B 60 3.34 -28.78 -10.34
CA ALA B 60 2.17 -29.62 -10.12
C ALA B 60 1.96 -30.58 -11.28
N GLU B 61 2.29 -30.17 -12.51
CA GLU B 61 2.31 -31.13 -13.62
C GLU B 61 3.33 -32.23 -13.37
N ALA B 62 4.47 -31.87 -12.76
CA ALA B 62 5.53 -32.83 -12.48
C ALA B 62 5.09 -33.83 -11.41
N TYR B 63 4.48 -33.34 -10.33
CA TYR B 63 4.06 -34.21 -9.21
C TYR B 63 2.55 -34.10 -9.01
N PRO B 64 1.75 -34.60 -9.96
CA PRO B 64 0.30 -34.42 -9.86
C PRO B 64 -0.33 -35.15 -8.69
N ASP B 65 0.32 -36.18 -8.16
CA ASP B 65 -0.19 -36.93 -7.03
C ASP B 65 0.12 -36.28 -5.69
N ARG B 66 1.01 -35.28 -5.68
CA ARG B 66 1.44 -34.66 -4.42
C ARG B 66 1.11 -33.18 -4.33
N LEU B 67 0.88 -32.50 -5.44
CA LEU B 67 0.67 -31.06 -5.44
C LEU B 67 -0.58 -30.74 -6.27
N ARG B 68 -1.53 -30.05 -5.65
CA ARG B 68 -2.74 -29.58 -6.30
C ARG B 68 -2.80 -28.08 -6.18
N ILE B 69 -3.23 -27.40 -7.24
CA ILE B 69 -3.34 -25.94 -7.26
C ILE B 69 -4.82 -25.57 -7.23
N GLU B 70 -5.20 -24.72 -6.27
CA GLU B 70 -6.54 -24.15 -6.26
C GLU B 70 -6.44 -22.65 -6.47
N THR B 71 -7.56 -22.00 -6.79
CA THR B 71 -7.51 -20.58 -7.09
C THR B 71 -8.05 -19.78 -5.91
N LEU B 72 -7.42 -18.63 -5.65
CA LEU B 72 -7.86 -17.74 -4.58
C LEU B 72 -7.26 -16.35 -4.74
N ASP B 73 -8.11 -15.32 -4.69
CA ASP B 73 -7.67 -13.95 -4.45
C ASP B 73 -8.05 -13.62 -3.01
N ILE B 74 -7.04 -13.48 -2.14
CA ILE B 74 -7.30 -13.33 -0.71
C ILE B 74 -8.02 -12.03 -0.38
N THR B 75 -8.01 -11.04 -1.26
CA THR B 75 -8.70 -9.80 -0.99
C THR B 75 -10.20 -9.88 -1.25
N GLN B 76 -10.71 -11.06 -1.59
CA GLN B 76 -12.12 -11.26 -1.93
C GLN B 76 -12.76 -12.22 -0.93
N PRO B 77 -13.51 -11.72 0.06
CA PRO B 77 -14.03 -12.62 1.11
C PRO B 77 -14.79 -13.82 0.58
N GLU B 78 -15.55 -13.66 -0.50
CA GLU B 78 -16.37 -14.75 -1.00
C GLU B 78 -15.51 -15.84 -1.64
N GLN B 79 -14.36 -15.47 -2.20
CA GLN B 79 -13.46 -16.47 -2.74
C GLN B 79 -12.79 -17.29 -1.64
N ILE B 80 -12.56 -16.68 -0.47
CA ILE B 80 -12.03 -17.46 0.65
C ILE B 80 -13.07 -18.49 1.10
N ARG B 81 -14.31 -18.06 1.29
CA ARG B 81 -15.37 -19.00 1.65
C ARG B 81 -15.52 -20.08 0.58
N ALA B 82 -15.42 -19.70 -0.69
CA ALA B 82 -15.55 -20.68 -1.76
C ALA B 82 -14.42 -21.70 -1.75
N LEU B 83 -13.20 -21.28 -1.39
CA LEU B 83 -12.11 -22.26 -1.27
C LEU B 83 -12.43 -23.28 -0.19
N ALA B 84 -13.03 -22.84 0.92
CA ALA B 84 -13.47 -23.79 1.94
C ALA B 84 -14.48 -24.77 1.36
N ALA B 85 -15.31 -24.32 0.42
CA ALA B 85 -16.22 -25.24 -0.26
C ALA B 85 -15.46 -26.23 -1.14
N ARG B 86 -14.45 -25.75 -1.88
CA ARG B 86 -13.68 -26.65 -2.74
C ARG B 86 -12.93 -27.68 -1.92
N LEU B 87 -12.46 -27.31 -0.74
CA LEU B 87 -11.71 -28.21 0.12
C LEU B 87 -12.60 -28.87 1.15
N SER B 88 -13.92 -28.90 0.89
CA SER B 88 -14.89 -29.47 1.82
C SER B 88 -14.48 -30.88 2.19
N GLY B 89 -14.43 -31.15 3.49
CA GLY B 89 -14.14 -32.48 3.99
C GLY B 89 -12.67 -32.75 4.22
N ARG B 90 -11.77 -31.89 3.78
CA ARG B 90 -10.34 -32.14 3.94
C ARG B 90 -9.81 -31.46 5.19
N VAL B 91 -8.76 -32.07 5.74
CA VAL B 91 -8.07 -31.59 6.93
C VAL B 91 -6.61 -31.40 6.56
N PHE B 92 -6.02 -30.31 7.06
CA PHE B 92 -4.63 -29.99 6.79
C PHE B 92 -3.88 -29.80 8.10
N ASP B 93 -2.70 -30.41 8.17
CA ASP B 93 -1.89 -30.30 9.38
C ASP B 93 -1.31 -28.91 9.54
N ILE B 94 -1.07 -28.20 8.43
CA ILE B 94 -0.60 -26.82 8.47
C ILE B 94 -1.43 -26.00 7.50
N LEU B 95 -1.89 -24.84 7.96
CA LEU B 95 -2.32 -23.77 7.06
C LEU B 95 -1.26 -22.69 7.16
N PHE B 96 -0.66 -22.32 6.03
CA PHE B 96 0.31 -21.23 6.00
C PHE B 96 -0.11 -20.21 4.97
N VAL B 97 -0.24 -18.95 5.41
CA VAL B 97 -0.68 -17.87 4.55
C VAL B 97 0.53 -17.05 4.14
N ASN B 98 0.86 -17.08 2.85
CA ASN B 98 1.97 -16.33 2.27
C ASN B 98 1.37 -15.21 1.42
N ALA B 99 1.12 -14.04 2.03
CA ALA B 99 0.16 -13.08 1.48
C ALA B 99 0.58 -11.63 1.32
N GLY B 100 1.84 -11.26 1.58
CA GLY B 100 2.21 -9.86 1.60
C GLY B 100 2.61 -9.27 0.24
N THR B 101 2.48 -7.93 0.12
CA THR B 101 2.92 -7.23 -1.06
C THR B 101 3.49 -5.87 -0.69
N THR B 102 4.16 -5.25 -1.66
CA THR B 102 4.89 -4.01 -1.45
C THR B 102 4.30 -2.90 -2.31
N ASN B 103 4.56 -1.66 -1.90
CA ASN B 103 4.21 -0.52 -2.72
C ASN B 103 5.22 -0.38 -3.86
N PRO B 104 4.78 0.14 -5.01
CA PRO B 104 5.73 0.39 -6.10
C PRO B 104 6.78 1.42 -5.74
N ASP B 105 6.57 2.17 -4.66
CA ASP B 105 7.54 3.15 -4.14
C ASP B 105 7.70 2.91 -2.65
N PRO B 106 8.54 1.96 -2.26
CA PRO B 106 8.78 1.73 -0.82
C PRO B 106 9.51 2.87 -0.13
N THR B 107 9.99 3.87 -0.86
CA THR B 107 10.68 4.98 -0.24
C THR B 107 9.75 6.12 0.18
N GLN B 108 8.46 6.04 -0.15
CA GLN B 108 7.53 7.07 0.28
C GLN B 108 7.35 7.04 1.80
N THR B 109 7.19 8.21 2.39
CA THR B 109 6.85 8.26 3.79
C THR B 109 5.34 8.10 3.98
N ILE B 110 4.95 7.84 5.23
CA ILE B 110 3.53 7.71 5.55
C ILE B 110 2.79 9.01 5.24
N GLY B 111 3.47 10.16 5.37
CA GLY B 111 2.85 11.42 5.03
C GLY B 111 2.74 11.69 3.53
N GLU B 112 3.37 10.87 2.70
CA GLU B 112 3.33 11.04 1.26
C GLU B 112 2.36 10.10 0.56
N VAL B 113 1.97 8.98 1.19
CA VAL B 113 1.21 7.96 0.48
C VAL B 113 -0.20 8.45 0.20
N SER B 114 -0.75 8.08 -0.95
CA SER B 114 -2.13 8.39 -1.23
C SER B 114 -3.03 7.54 -0.32
N THR B 115 -4.25 8.03 -0.12
CA THR B 115 -5.21 7.27 0.67
C THR B 115 -5.46 5.91 0.05
N ASP B 116 -5.55 5.84 -1.28
CA ASP B 116 -5.77 4.56 -1.96
C ASP B 116 -4.64 3.58 -1.71
N ASP B 117 -3.38 4.03 -1.81
CA ASP B 117 -2.26 3.12 -1.58
C ASP B 117 -2.23 2.65 -0.14
N PHE B 118 -2.53 3.53 0.81
CA PHE B 118 -2.58 3.12 2.21
C PHE B 118 -3.65 2.05 2.41
N VAL B 119 -4.84 2.29 1.86
CA VAL B 119 -5.94 1.37 2.05
C VAL B 119 -5.63 0.03 1.39
N ASP B 120 -5.11 0.08 0.16
CA ASP B 120 -4.84 -1.15 -0.59
C ASP B 120 -3.80 -2.00 0.12
N LEU B 121 -2.74 -1.40 0.66
CA LEU B 121 -1.71 -2.20 1.31
C LEU B 121 -2.20 -2.72 2.66
N MET B 122 -2.97 -1.92 3.40
CA MET B 122 -3.48 -2.41 4.67
C MET B 122 -4.45 -3.58 4.46
N ILE B 123 -5.29 -3.49 3.43
CA ILE B 123 -6.25 -4.58 3.17
C ILE B 123 -5.51 -5.84 2.75
N THR B 124 -4.59 -5.70 1.80
CA THR B 124 -3.86 -6.87 1.29
C THR B 124 -2.95 -7.50 2.35
N ASN B 125 -2.25 -6.67 3.15
CA ASN B 125 -1.21 -7.22 4.03
C ASN B 125 -1.68 -7.55 5.44
N ALA B 126 -2.78 -6.97 5.90
CA ALA B 126 -3.20 -7.11 7.29
C ALA B 126 -4.60 -7.71 7.40
N LEU B 127 -5.61 -7.06 6.83
CA LEU B 127 -6.97 -7.59 6.93
C LEU B 127 -7.10 -8.93 6.23
N SER B 128 -6.62 -9.02 4.98
CA SER B 128 -6.88 -10.19 4.17
C SER B 128 -6.21 -11.45 4.72
N PRO B 129 -4.93 -11.43 5.14
CA PRO B 129 -4.37 -12.66 5.71
C PRO B 129 -5.13 -13.14 6.94
N MET B 130 -5.63 -12.20 7.75
CA MET B 130 -6.42 -12.57 8.91
C MET B 130 -7.76 -13.17 8.49
N ARG B 131 -8.37 -12.67 7.42
CA ARG B 131 -9.60 -13.31 6.98
C ARG B 131 -9.35 -14.71 6.47
N VAL B 132 -8.20 -14.95 5.85
CA VAL B 132 -7.88 -16.32 5.42
C VAL B 132 -7.77 -17.22 6.64
N VAL B 133 -7.05 -16.77 7.66
CA VAL B 133 -6.85 -17.56 8.86
C VAL B 133 -8.18 -17.84 9.54
N GLU B 134 -9.01 -16.81 9.72
CA GLU B 134 -10.26 -16.98 10.45
C GLU B 134 -11.22 -17.89 9.69
N THR B 135 -11.32 -17.70 8.38
CA THR B 135 -12.29 -18.45 7.59
C THR B 135 -11.86 -19.90 7.39
N LEU B 136 -10.55 -20.18 7.33
CA LEU B 136 -10.06 -21.51 7.00
C LEU B 136 -9.51 -22.29 8.19
N ALA B 137 -9.48 -21.68 9.38
CA ALA B 137 -8.98 -22.38 10.56
C ALA B 137 -9.75 -23.67 10.82
N GLY B 138 -11.01 -23.74 10.39
CA GLY B 138 -11.78 -24.96 10.53
C GLY B 138 -11.23 -26.15 9.75
N LEU B 139 -10.38 -25.90 8.76
CA LEU B 139 -9.76 -26.97 7.99
C LEU B 139 -8.51 -27.53 8.65
N VAL B 140 -8.14 -27.02 9.81
CA VAL B 140 -6.96 -27.42 10.55
C VAL B 140 -7.42 -28.11 11.84
N PRO B 141 -6.82 -29.22 12.27
CA PRO B 141 -7.23 -29.82 13.56
C PRO B 141 -7.05 -28.80 14.68
N ARG B 142 -7.77 -29.02 15.79
CA ARG B 142 -7.68 -28.05 16.89
C ARG B 142 -6.26 -27.91 17.43
N ASP B 143 -5.42 -28.94 17.26
CA ASP B 143 -4.02 -28.84 17.64
C ASP B 143 -3.11 -28.69 16.43
N GLY B 144 -3.65 -28.26 15.30
CA GLY B 144 -2.84 -28.03 14.12
C GLY B 144 -2.00 -26.78 14.24
N LEU B 145 -1.42 -26.39 13.11
CA LEU B 145 -0.53 -25.24 13.04
C LEU B 145 -1.01 -24.29 11.97
N ILE B 146 -1.18 -23.02 12.35
CA ILE B 146 -1.55 -21.96 11.44
C ILE B 146 -0.39 -20.96 11.44
N GLY B 147 0.18 -20.72 10.27
CA GLY B 147 1.30 -19.80 10.12
C GLY B 147 0.95 -18.72 9.12
N ILE B 148 1.58 -17.57 9.31
CA ILE B 148 1.42 -16.43 8.43
C ILE B 148 2.79 -15.85 8.13
N MET B 149 3.03 -15.52 6.86
CA MET B 149 4.28 -14.86 6.51
C MET B 149 4.20 -13.41 6.97
N SER B 150 5.09 -13.06 7.88
CA SER B 150 5.17 -11.69 8.35
C SER B 150 6.47 -11.12 7.83
N SER B 151 7.18 -10.37 8.66
CA SER B 151 8.43 -9.78 8.23
C SER B 151 9.13 -9.17 9.43
N GLY B 152 10.44 -9.25 9.46
CA GLY B 152 11.19 -8.53 10.48
C GLY B 152 10.90 -7.05 10.51
N GLN B 153 10.39 -6.51 9.38
CA GLN B 153 9.99 -5.10 9.31
C GLN B 153 8.75 -4.80 10.14
N GLY B 154 7.97 -5.83 10.48
CA GLY B 154 6.77 -5.63 11.29
C GLY B 154 7.03 -5.46 12.77
N SER B 155 8.23 -5.79 13.22
CA SER B 155 8.57 -5.60 14.63
C SER B 155 8.61 -4.11 14.95
N ILE B 156 7.87 -3.69 15.98
CA ILE B 156 7.93 -2.28 16.36
C ILE B 156 9.15 -2.02 17.24
N ALA B 157 9.46 -2.93 18.17
CA ALA B 157 10.64 -2.74 19.00
C ALA B 157 11.92 -2.68 18.16
N ASP B 158 11.97 -3.41 17.03
CA ASP B 158 13.18 -3.42 16.23
C ASP B 158 13.27 -2.24 15.27
N ASN B 159 12.21 -1.45 15.13
CA ASN B 159 12.18 -0.38 14.15
C ASN B 159 12.98 0.80 14.70
N GLU B 160 14.30 0.70 14.54
CA GLU B 160 15.21 1.80 14.84
C GLU B 160 15.62 2.60 13.62
N SER B 161 15.30 2.12 12.41
CA SER B 161 15.82 2.72 11.19
C SER B 161 14.76 3.22 10.22
N GLY B 162 13.49 2.91 10.44
CA GLY B 162 12.49 3.33 9.49
C GLY B 162 12.69 2.70 8.13
N GLN B 163 12.32 3.45 7.08
CA GLN B 163 12.26 3.01 5.69
C GLN B 163 11.10 2.03 5.50
N ARG B 164 10.69 1.83 4.25
CA ARG B 164 9.56 0.97 3.90
C ARG B 164 8.37 1.25 4.81
N GLU B 165 8.04 2.54 4.94
CA GLU B 165 7.17 2.99 6.05
C GLU B 165 5.79 2.37 5.98
N LEU B 166 5.15 2.39 4.80
CA LEU B 166 3.81 1.81 4.72
C LEU B 166 3.85 0.31 4.95
N TYR B 167 4.82 -0.39 4.33
CA TYR B 167 4.96 -1.83 4.53
C TYR B 167 5.16 -2.17 6.01
N ARG B 168 6.01 -1.42 6.70
CA ARG B 168 6.23 -1.68 8.13
C ARG B 168 4.91 -1.62 8.90
N GLY B 169 4.12 -0.57 8.67
CA GLY B 169 2.87 -0.44 9.42
C GLY B 169 1.89 -1.56 9.13
N SER B 170 1.86 -2.02 7.88
CA SER B 170 0.95 -3.09 7.52
C SER B 170 1.32 -4.39 8.24
N LYS B 171 2.62 -4.66 8.41
CA LYS B 171 3.01 -5.90 9.07
C LYS B 171 2.90 -5.80 10.58
N ALA B 172 3.05 -4.60 11.14
CA ALA B 172 2.79 -4.44 12.57
C ALA B 172 1.32 -4.64 12.89
N ALA B 173 0.42 -4.12 12.04
CA ALA B 173 -1.00 -4.36 12.23
C ALA B 173 -1.33 -5.86 12.11
N LEU B 174 -0.77 -6.52 11.09
CA LEU B 174 -0.95 -7.96 10.95
C LEU B 174 -0.54 -8.72 12.22
N ASN B 175 0.66 -8.43 12.73
CA ASN B 175 1.14 -9.09 13.93
C ASN B 175 0.22 -8.85 15.11
N GLN B 176 -0.24 -7.61 15.28
CA GLN B 176 -1.14 -7.33 16.39
C GLN B 176 -2.46 -8.07 16.23
N PHE B 177 -3.02 -8.06 15.02
CA PHE B 177 -4.24 -8.85 14.78
C PHE B 177 -4.04 -10.33 15.15
N MET B 178 -2.88 -10.89 14.80
CA MET B 178 -2.65 -12.30 15.08
C MET B 178 -2.50 -12.54 16.58
N ARG B 179 -1.96 -11.58 17.33
CA ARG B 179 -1.85 -11.77 18.77
C ARG B 179 -3.24 -11.84 19.41
N SER B 180 -4.19 -11.05 18.92
CA SER B 180 -5.55 -11.11 19.46
C SER B 180 -6.22 -12.42 19.07
N PHE B 181 -5.98 -12.87 17.84
CA PHE B 181 -6.50 -14.17 17.41
C PHE B 181 -5.96 -15.27 18.31
N ALA B 182 -4.67 -15.21 18.65
CA ALA B 182 -4.07 -16.22 19.51
C ALA B 182 -4.68 -16.16 20.90
N ALA B 183 -4.99 -14.96 21.40
CA ALA B 183 -5.64 -14.85 22.69
C ALA B 183 -6.99 -15.57 22.70
N ARG B 184 -7.73 -15.48 21.60
CA ARG B 184 -9.02 -16.17 21.53
C ARG B 184 -8.85 -17.68 21.51
N HIS B 185 -7.64 -18.18 21.24
CA HIS B 185 -7.32 -19.61 21.29
C HIS B 185 -6.47 -19.99 22.49
N ALA B 186 -6.42 -19.14 23.51
CA ALA B 186 -5.50 -19.37 24.64
C ALA B 186 -5.79 -20.70 25.34
N GLN B 187 -7.05 -21.10 25.42
CA GLN B 187 -7.45 -22.34 26.07
C GLN B 187 -7.57 -23.51 25.09
N THR B 188 -6.87 -23.46 23.96
CA THR B 188 -6.82 -24.54 22.99
C THR B 188 -5.37 -24.91 22.71
N PRO B 189 -5.11 -26.10 22.14
CA PRO B 189 -3.73 -26.47 21.84
C PRO B 189 -3.25 -26.01 20.47
N LEU B 190 -3.93 -25.04 19.84
CA LEU B 190 -3.56 -24.61 18.51
C LEU B 190 -2.19 -23.95 18.52
N ALA B 191 -1.32 -24.39 17.60
CA ALA B 191 -0.02 -23.76 17.38
C ALA B 191 -0.12 -22.70 16.29
N MET B 192 0.61 -21.60 16.48
CA MET B 192 0.55 -20.45 15.59
C MET B 192 1.93 -19.82 15.48
N VAL B 193 2.30 -19.37 14.28
CA VAL B 193 3.59 -18.73 14.08
C VAL B 193 3.45 -17.59 13.08
N LEU B 194 4.11 -16.48 13.37
CA LEU B 194 4.41 -15.41 12.43
C LEU B 194 5.87 -15.54 12.00
N ILE B 195 6.11 -15.68 10.71
CA ILE B 195 7.46 -15.96 10.20
C ILE B 195 8.08 -14.67 9.69
N ALA B 196 9.30 -14.37 10.15
CA ALA B 196 10.17 -13.38 9.54
C ALA B 196 11.18 -14.13 8.68
N PRO B 197 11.08 -14.10 7.35
CA PRO B 197 11.94 -14.97 6.53
C PRO B 197 13.34 -14.44 6.31
N GLY B 198 13.64 -13.21 6.72
CA GLY B 198 14.89 -12.58 6.33
C GLY B 198 14.74 -11.92 4.97
N TRP B 199 15.88 -11.63 4.35
CA TRP B 199 15.88 -11.03 3.01
C TRP B 199 15.14 -11.91 1.99
N LEU B 211 20.00 -14.57 2.69
CA LEU B 211 19.55 -13.54 1.77
C LEU B 211 18.86 -14.16 0.55
N SER B 212 19.44 -15.22 -0.02
CA SER B 212 18.80 -15.88 -1.15
C SER B 212 17.63 -16.74 -0.69
N ILE B 213 16.74 -17.03 -1.64
CA ILE B 213 15.57 -17.84 -1.34
C ILE B 213 16.00 -19.21 -0.83
N ASP B 214 16.99 -19.82 -1.48
CA ASP B 214 17.50 -21.13 -1.07
C ASP B 214 18.14 -21.11 0.32
N GLU B 215 18.60 -19.96 0.78
CA GLU B 215 19.17 -19.87 2.11
C GLU B 215 18.12 -19.61 3.17
N SER B 216 16.93 -19.14 2.77
CA SER B 216 15.85 -18.81 3.68
C SER B 216 14.84 -19.94 3.83
N VAL B 217 14.39 -20.52 2.71
CA VAL B 217 13.20 -21.37 2.77
C VAL B 217 13.42 -22.65 3.56
N PRO B 218 14.54 -23.38 3.42
CA PRO B 218 14.72 -24.57 4.27
C PRO B 218 14.58 -24.29 5.75
N GLY B 219 15.08 -23.13 6.21
CA GLY B 219 14.93 -22.79 7.62
C GLY B 219 13.50 -22.50 8.00
N VAL B 220 12.80 -21.73 7.15
CA VAL B 220 11.38 -21.44 7.36
C VAL B 220 10.58 -22.72 7.52
N VAL B 221 10.86 -23.70 6.65
CA VAL B 221 10.17 -24.98 6.73
C VAL B 221 10.57 -25.72 8.02
N ASP B 222 11.86 -25.66 8.39
CA ASP B 222 12.31 -26.19 9.69
C ASP B 222 11.50 -25.60 10.83
N VAL B 223 11.35 -24.28 10.82
CA VAL B 223 10.62 -23.60 11.90
C VAL B 223 9.18 -24.10 11.96
N LEU B 224 8.53 -24.21 10.79
CA LEU B 224 7.16 -24.69 10.74
C LEU B 224 7.06 -26.11 11.27
N LEU B 225 7.94 -27.01 10.80
CA LEU B 225 7.83 -28.41 11.23
C LEU B 225 8.08 -28.55 12.73
N ALA B 226 9.01 -27.75 13.28
CA ALA B 226 9.33 -27.85 14.69
C ALA B 226 8.36 -27.10 15.59
N LYS B 227 7.49 -26.27 15.02
CA LYS B 227 6.47 -25.57 15.78
C LYS B 227 5.22 -26.42 15.98
N ARG B 228 5.02 -27.44 15.14
CA ARG B 228 3.90 -28.36 15.29
C ARG B 228 3.85 -28.92 16.71
N GLY B 229 2.66 -28.89 17.31
CA GLY B 229 2.44 -29.43 18.63
C GLY B 229 2.87 -28.55 19.79
N ARG B 230 3.37 -27.34 19.51
CA ARG B 230 3.76 -26.40 20.56
C ARG B 230 2.72 -25.29 20.54
N ALA B 231 1.73 -25.38 21.44
CA ALA B 231 0.60 -24.47 21.41
C ALA B 231 1.04 -23.03 21.62
N GLY B 232 0.25 -22.11 21.12
CA GLY B 232 0.50 -20.70 21.29
C GLY B 232 1.15 -20.07 20.06
N LEU B 233 1.15 -18.74 20.06
CA LEU B 233 1.69 -17.93 18.98
C LEU B 233 3.12 -17.52 19.31
N GLU B 234 4.01 -17.68 18.34
CA GLU B 234 5.38 -17.18 18.41
C GLU B 234 5.69 -16.40 17.14
N TYR B 235 6.60 -15.46 17.29
CA TYR B 235 7.10 -14.61 16.21
C TYR B 235 8.55 -15.03 16.00
N LEU B 236 8.82 -15.76 14.92
CA LEU B 236 10.09 -16.46 14.74
C LEU B 236 10.69 -16.17 13.37
N ASP B 237 12.03 -16.09 13.29
CA ASP B 237 12.65 -15.89 11.99
C ASP B 237 13.10 -17.23 11.40
N TYR B 238 13.75 -17.15 10.23
CA TYR B 238 14.07 -18.35 9.47
C TYR B 238 15.09 -19.24 10.17
N ARG B 239 15.73 -18.77 11.24
CA ARG B 239 16.60 -19.60 12.06
C ARG B 239 15.96 -20.01 13.37
N GLY B 240 14.66 -19.78 13.55
CA GLY B 240 13.99 -20.12 14.77
C GLY B 240 14.26 -19.18 15.93
N ARG B 241 14.86 -18.03 15.66
CA ARG B 241 15.09 -17.03 16.69
C ARG B 241 13.83 -16.20 16.94
N THR B 242 13.58 -15.89 18.21
CA THR B 242 12.43 -15.06 18.54
C THR B 242 12.67 -13.63 18.07
N VAL B 243 11.67 -13.07 17.42
CA VAL B 243 11.66 -11.68 16.97
C VAL B 243 10.84 -10.89 17.96
N ARG B 244 11.40 -9.78 18.45
CA ARG B 244 10.64 -8.94 19.37
C ARG B 244 9.43 -8.34 18.67
N TRP B 245 8.36 -8.15 19.43
CA TRP B 245 7.13 -7.60 18.88
C TRP B 245 7.31 -6.15 18.44
N ASP C 14 2.54 35.12 21.23
CA ASP C 14 3.85 35.76 21.36
C ASP C 14 4.44 35.67 22.78
N PRO C 15 3.73 36.13 23.82
CA PRO C 15 4.37 36.18 25.14
C PRO C 15 4.52 34.81 25.79
N ARG C 16 3.53 33.94 25.66
CA ARG C 16 3.48 32.68 26.39
C ARG C 16 3.80 31.50 25.47
N PRO C 17 4.28 30.40 26.04
CA PRO C 17 4.47 29.19 25.24
C PRO C 17 3.12 28.73 24.75
N THR C 18 3.10 28.10 23.59
CA THR C 18 1.85 27.75 22.93
C THR C 18 1.90 26.31 22.46
N ILE C 19 0.78 25.62 22.63
CA ILE C 19 0.60 24.28 22.10
C ILE C 19 -0.41 24.34 20.97
N LEU C 20 -0.09 23.68 19.86
CA LEU C 20 -1.04 23.46 18.78
C LEU C 20 -1.64 22.09 19.04
N LEU C 21 -2.94 22.06 19.33
CA LEU C 21 -3.61 20.87 19.82
C LEU C 21 -4.64 20.49 18.77
N VAL C 22 -4.31 19.50 17.96
CA VAL C 22 -5.20 19.05 16.88
C VAL C 22 -6.19 18.03 17.45
N GLY C 23 -7.49 18.31 17.30
CA GLY C 23 -8.52 17.48 17.89
C GLY C 23 -8.85 17.90 19.32
N ALA C 24 -9.13 19.17 19.53
CA ALA C 24 -9.29 19.72 20.87
C ALA C 24 -10.75 19.84 21.28
N SER C 25 -11.67 19.19 20.56
CA SER C 25 -13.08 19.55 20.61
C SER C 25 -13.75 19.12 21.91
N ARG C 26 -13.48 17.89 22.33
CA ARG C 26 -14.27 17.23 23.37
C ARG C 26 -13.34 16.31 24.14
N GLY C 27 -13.93 15.58 25.10
CA GLY C 27 -13.23 14.50 25.77
C GLY C 27 -11.84 14.88 26.24
N LEU C 28 -10.86 14.02 25.95
CA LEU C 28 -9.50 14.32 26.40
C LEU C 28 -8.95 15.58 25.75
N GLY C 29 -9.30 15.83 24.49
CA GLY C 29 -8.73 16.97 23.78
C GLY C 29 -9.11 18.30 24.43
N HIS C 30 -10.40 18.48 24.71
CA HIS C 30 -10.83 19.72 25.36
C HIS C 30 -10.20 19.85 26.73
N ALA C 31 -10.18 18.75 27.49
CA ALA C 31 -9.61 18.78 28.84
C ALA C 31 -8.13 19.09 28.80
N MET C 32 -7.41 18.59 27.78
CA MET C 32 -6.00 18.93 27.67
C MET C 32 -5.81 20.41 27.39
N ALA C 33 -6.66 20.98 26.54
CA ALA C 33 -6.55 22.41 26.27
C ALA C 33 -6.77 23.23 27.54
N ALA C 34 -7.78 22.86 28.33
CA ALA C 34 -8.06 23.58 29.57
C ALA C 34 -6.92 23.44 30.56
N GLU C 35 -6.31 22.24 30.62
CA GLU C 35 -5.19 22.04 31.54
C GLU C 35 -3.99 22.88 31.14
N PHE C 36 -3.71 22.98 29.85
CA PHE C 36 -2.60 23.79 29.40
C PHE C 36 -2.82 25.27 29.70
N LEU C 37 -4.04 25.76 29.50
CA LEU C 37 -4.34 27.16 29.83
C LEU C 37 -4.18 27.42 31.32
N LYS C 38 -4.47 26.43 32.16
CA LYS C 38 -4.31 26.61 33.61
C LYS C 38 -2.84 26.69 34.01
N ARG C 39 -1.96 26.03 33.26
CA ARG C 39 -0.52 26.10 33.51
C ARG C 39 0.13 27.26 32.82
N GLY C 40 -0.66 28.20 32.28
CA GLY C 40 -0.12 29.44 31.75
C GLY C 40 0.34 29.39 30.32
N TRP C 41 -0.02 28.34 29.58
CA TRP C 41 0.23 28.26 28.15
C TRP C 41 -0.95 28.85 27.38
N ASP C 42 -0.68 29.27 26.15
CA ASP C 42 -1.74 29.55 25.18
C ASP C 42 -1.95 28.33 24.31
N VAL C 43 -3.13 28.27 23.69
CA VAL C 43 -3.55 27.08 22.95
C VAL C 43 -4.15 27.49 21.62
N VAL C 44 -3.78 26.79 20.56
CA VAL C 44 -4.51 26.81 19.30
C VAL C 44 -5.04 25.39 19.12
N GLY C 45 -6.36 25.23 19.17
CA GLY C 45 -7.00 23.93 19.10
C GLY C 45 -7.79 23.82 17.81
N THR C 46 -7.94 22.59 17.32
CA THR C 46 -8.73 22.38 16.11
C THR C 46 -9.97 21.55 16.39
N VAL C 47 -10.99 21.79 15.56
CA VAL C 47 -12.26 21.08 15.63
CA VAL C 47 -12.28 21.09 15.63
C VAL C 47 -12.81 20.98 14.21
N ARG C 48 -13.66 19.99 13.97
CA ARG C 48 -14.42 19.99 12.74
C ARG C 48 -15.37 21.18 12.74
N ALA C 49 -15.52 21.83 11.59
CA ALA C 49 -16.40 22.98 11.54
C ALA C 49 -17.86 22.56 11.52
N ASP C 50 -18.16 21.35 11.05
CA ASP C 50 -19.54 20.87 10.94
C ASP C 50 -20.04 20.27 12.25
N ARG C 51 -19.71 20.93 13.35
CA ARG C 51 -20.29 20.67 14.66
C ARG C 51 -21.01 21.93 15.11
N GLY C 52 -22.08 21.77 15.88
CA GLY C 52 -22.81 22.94 16.35
C GLY C 52 -22.04 23.77 17.38
N ARG C 53 -21.78 23.17 18.53
CA ARG C 53 -21.02 23.84 19.59
CA ARG C 53 -21.02 23.84 19.58
C ARG C 53 -20.45 22.77 20.49
N THR C 54 -19.15 22.82 20.72
CA THR C 54 -18.44 21.86 21.53
C THR C 54 -17.96 22.48 22.83
N PRO C 55 -17.53 21.68 23.79
CA PRO C 55 -16.89 22.25 24.99
C PRO C 55 -15.70 23.14 24.69
N LEU C 56 -15.01 22.91 23.57
CA LEU C 56 -13.92 23.81 23.20
C LEU C 56 -14.43 25.22 22.92
N HIS C 57 -15.64 25.35 22.36
CA HIS C 57 -16.19 26.67 22.13
C HIS C 57 -16.49 27.39 23.44
N ALA C 58 -16.94 26.67 24.46
CA ALA C 58 -17.16 27.32 25.75
C ALA C 58 -15.84 27.71 26.39
N LEU C 59 -14.84 26.86 26.26
CA LEU C 59 -13.50 27.20 26.73
C LEU C 59 -12.99 28.46 26.03
N ALA C 60 -13.24 28.59 24.72
CA ALA C 60 -12.85 29.79 23.99
C ALA C 60 -13.58 31.03 24.51
N GLU C 61 -14.85 30.89 24.89
CA GLU C 61 -15.57 32.02 25.49
C GLU C 61 -14.93 32.43 26.81
N ALA C 62 -14.33 31.50 27.53
CA ALA C 62 -13.68 31.82 28.78
C ALA C 62 -12.24 32.28 28.61
N TYR C 63 -11.57 31.91 27.53
CA TYR C 63 -10.19 32.34 27.27
C TYR C 63 -10.10 32.99 25.88
N PRO C 64 -10.76 34.13 25.67
CA PRO C 64 -10.84 34.69 24.30
C PRO C 64 -9.50 35.16 23.74
N ASP C 65 -8.54 35.56 24.58
CA ASP C 65 -7.25 36.03 24.09
C ASP C 65 -6.18 34.95 24.07
N ARG C 66 -6.39 33.82 24.76
CA ARG C 66 -5.34 32.82 24.90
C ARG C 66 -5.62 31.50 24.19
N LEU C 67 -6.88 31.24 23.84
CA LEU C 67 -7.25 30.03 23.10
C LEU C 67 -7.88 30.47 21.78
N ARG C 68 -7.32 29.98 20.68
CA ARG C 68 -7.84 30.25 19.34
C ARG C 68 -8.28 28.93 18.73
N ILE C 69 -9.43 28.93 18.06
CA ILE C 69 -9.96 27.73 17.44
C ILE C 69 -9.73 27.82 15.93
N GLU C 70 -9.11 26.78 15.38
CA GLU C 70 -9.03 26.58 13.93
C GLU C 70 -9.90 25.39 13.56
N THR C 71 -10.59 25.46 12.42
CA THR C 71 -11.41 24.32 12.00
C THR C 71 -10.71 23.56 10.90
N LEU C 72 -10.84 22.23 10.92
CA LEU C 72 -10.47 21.40 9.77
C LEU C 72 -10.89 19.95 10.00
N ASP C 73 -11.05 19.25 8.89
CA ASP C 73 -11.27 17.81 8.86
C ASP C 73 -9.95 17.17 8.45
N ILE C 74 -9.28 16.49 9.38
CA ILE C 74 -7.94 15.97 9.08
C ILE C 74 -7.97 14.76 8.16
N THR C 75 -9.15 14.22 7.85
CA THR C 75 -9.21 13.21 6.82
C THR C 75 -9.04 13.81 5.42
N GLN C 76 -8.97 15.13 5.33
CA GLN C 76 -8.76 15.81 4.06
C GLN C 76 -7.38 16.44 4.03
N PRO C 77 -6.43 15.87 3.29
CA PRO C 77 -5.05 16.41 3.28
C PRO C 77 -4.98 17.89 2.92
N GLU C 78 -5.78 18.33 1.96
CA GLU C 78 -5.76 19.73 1.54
C GLU C 78 -6.07 20.65 2.70
N GLN C 79 -6.94 20.22 3.62
CA GLN C 79 -7.27 21.08 4.74
C GLN C 79 -6.17 21.11 5.78
N ILE C 80 -5.39 20.03 5.89
CA ILE C 80 -4.23 20.07 6.76
C ILE C 80 -3.19 21.06 6.22
N ARG C 81 -2.93 21.01 4.91
CA ARG C 81 -2.00 21.96 4.32
C ARG C 81 -2.55 23.39 4.41
N ALA C 82 -3.86 23.56 4.27
CA ALA C 82 -4.45 24.88 4.43
C ALA C 82 -4.18 25.43 5.84
N LEU C 83 -4.42 24.60 6.86
CA LEU C 83 -4.12 25.00 8.22
C LEU C 83 -2.66 25.40 8.38
N ALA C 84 -1.75 24.61 7.82
CA ALA C 84 -0.33 24.93 7.92
C ALA C 84 -0.02 26.26 7.24
N ALA C 85 -0.67 26.55 6.11
CA ALA C 85 -0.42 27.83 5.45
C ALA C 85 -1.03 28.97 6.26
N ARG C 86 -2.17 28.73 6.89
CA ARG C 86 -2.78 29.73 7.75
C ARG C 86 -1.89 30.06 8.94
N LEU C 87 -1.19 29.07 9.48
CA LEU C 87 -0.36 29.25 10.65
C LEU C 87 1.11 29.49 10.31
N SER C 88 1.45 29.64 9.03
CA SER C 88 2.85 29.81 8.65
C SER C 88 3.44 31.03 9.34
N GLY C 89 4.68 30.91 9.78
CA GLY C 89 5.32 31.94 10.56
C GLY C 89 5.12 31.81 12.05
N ARG C 90 4.11 31.07 12.49
CA ARG C 90 3.93 30.81 13.92
CA ARG C 90 3.94 30.82 13.92
C ARG C 90 4.89 29.71 14.36
N VAL C 91 5.23 29.73 15.65
CA VAL C 91 6.15 28.77 16.23
C VAL C 91 5.51 28.23 17.51
N PHE C 92 5.24 26.93 17.53
CA PHE C 92 4.57 26.26 18.64
C PHE C 92 5.56 25.39 19.39
N ASP C 93 5.65 25.59 20.71
CA ASP C 93 6.53 24.75 21.51
C ASP C 93 6.10 23.27 21.48
N ILE C 94 4.81 23.01 21.36
CA ILE C 94 4.29 21.65 21.33
C ILE C 94 3.26 21.54 20.24
N LEU C 95 3.36 20.49 19.43
CA LEU C 95 2.29 20.00 18.58
C LEU C 95 1.78 18.71 19.20
N PHE C 96 0.48 18.65 19.48
CA PHE C 96 -0.11 17.41 19.98
C PHE C 96 -1.26 17.00 19.09
N VAL C 97 -1.22 15.75 18.62
CA VAL C 97 -2.21 15.23 17.68
C VAL C 97 -3.09 14.27 18.46
N ASN C 98 -4.36 14.66 18.65
CA ASN C 98 -5.34 13.88 19.39
C ASN C 98 -6.39 13.42 18.39
N ALA C 99 -6.07 12.36 17.66
CA ALA C 99 -6.88 11.96 16.52
C ALA C 99 -7.17 10.48 16.58
N GLY C 100 -8.44 10.13 16.51
CA GLY C 100 -8.81 8.74 16.38
C GLY C 100 -10.21 8.52 16.89
N THR C 101 -10.72 7.34 16.62
CA THR C 101 -12.03 6.98 17.15
C THR C 101 -12.03 5.47 17.39
N THR C 102 -13.22 4.92 17.58
CA THR C 102 -13.35 3.49 17.78
C THR C 102 -14.47 2.99 16.88
N ASN C 103 -14.57 1.66 16.74
CA ASN C 103 -15.71 1.08 16.05
C ASN C 103 -16.90 0.98 17.01
N PRO C 104 -18.12 1.20 16.52
CA PRO C 104 -19.29 1.12 17.42
C PRO C 104 -19.40 -0.21 18.15
N ASP C 105 -18.86 -1.30 17.58
CA ASP C 105 -18.96 -2.62 18.17
C ASP C 105 -17.56 -3.19 18.34
N PRO C 106 -16.86 -2.82 19.41
CA PRO C 106 -15.46 -3.26 19.57
C PRO C 106 -15.29 -4.74 19.79
N THR C 107 -16.35 -5.49 20.05
CA THR C 107 -16.19 -6.92 20.28
C THR C 107 -16.03 -7.71 18.98
N GLN C 108 -16.12 -7.07 17.82
CA GLN C 108 -15.93 -7.79 16.56
C GLN C 108 -14.50 -8.32 16.45
N THR C 109 -14.37 -9.57 16.01
CA THR C 109 -13.05 -10.08 15.67
C THR C 109 -12.61 -9.53 14.32
N ILE C 110 -11.30 -9.60 14.05
CA ILE C 110 -10.81 -9.09 12.77
C ILE C 110 -11.45 -9.86 11.63
N GLY C 111 -11.73 -11.15 11.82
CA GLY C 111 -12.38 -11.94 10.77
C GLY C 111 -13.84 -11.59 10.51
N GLU C 112 -14.48 -10.84 11.42
CA GLU C 112 -15.87 -10.45 11.31
C GLU C 112 -16.07 -9.04 10.77
N VAL C 113 -15.11 -8.13 10.96
CA VAL C 113 -15.37 -6.73 10.64
C VAL C 113 -15.66 -6.57 9.15
N SER C 114 -16.49 -5.59 8.83
CA SER C 114 -16.70 -5.27 7.42
C SER C 114 -15.45 -4.59 6.86
N THR C 115 -15.31 -4.65 5.54
CA THR C 115 -14.20 -3.92 4.90
C THR C 115 -14.31 -2.43 5.18
N ASP C 116 -15.53 -1.89 5.12
CA ASP C 116 -15.75 -0.49 5.45
C ASP C 116 -15.26 -0.17 6.86
N ASP C 117 -15.65 -1.00 7.85
CA ASP C 117 -15.17 -0.86 9.22
C ASP C 117 -13.67 -0.73 9.26
N PHE C 118 -12.98 -1.68 8.61
CA PHE C 118 -11.53 -1.74 8.63
C PHE C 118 -10.91 -0.50 8.01
N VAL C 119 -11.38 -0.13 6.82
CA VAL C 119 -10.81 1.01 6.09
C VAL C 119 -10.99 2.30 6.88
N ASP C 120 -12.19 2.52 7.38
CA ASP C 120 -12.48 3.78 8.07
C ASP C 120 -11.58 3.94 9.29
N LEU C 121 -11.45 2.88 10.09
CA LEU C 121 -10.70 3.05 11.35
C LEU C 121 -9.20 3.14 11.08
N MET C 122 -8.70 2.41 10.09
CA MET C 122 -7.29 2.53 9.76
C MET C 122 -6.97 3.94 9.25
N ILE C 123 -7.88 4.54 8.47
CA ILE C 123 -7.66 5.92 8.03
C ILE C 123 -7.69 6.90 9.19
N THR C 124 -8.72 6.82 10.05
CA THR C 124 -8.87 7.81 11.12
C THR C 124 -7.82 7.66 12.20
N ASN C 125 -7.39 6.43 12.47
CA ASN C 125 -6.53 6.18 13.63
C ASN C 125 -5.05 6.06 13.29
N ALA C 126 -4.69 5.77 12.05
CA ALA C 126 -3.29 5.56 11.69
C ALA C 126 -2.81 6.50 10.59
N LEU C 127 -3.51 6.54 9.45
CA LEU C 127 -3.08 7.43 8.37
C LEU C 127 -3.22 8.89 8.76
N SER C 128 -4.44 9.29 9.14
CA SER C 128 -4.74 10.71 9.37
C SER C 128 -3.87 11.37 10.44
N PRO C 129 -3.68 10.79 11.63
CA PRO C 129 -2.76 11.42 12.60
C PRO C 129 -1.34 11.56 12.07
N MET C 130 -0.85 10.57 11.32
CA MET C 130 0.50 10.69 10.76
C MET C 130 0.58 11.76 9.69
N ARG C 131 -0.49 11.99 8.95
CA ARG C 131 -0.50 13.11 8.01
C ARG C 131 -0.44 14.44 8.74
N VAL C 132 -1.14 14.55 9.88
CA VAL C 132 -1.10 15.79 10.67
C VAL C 132 0.31 16.03 11.17
N VAL C 133 0.95 14.98 11.70
CA VAL C 133 2.32 15.11 12.19
C VAL C 133 3.24 15.58 11.08
N GLU C 134 3.19 14.89 9.93
CA GLU C 134 4.13 15.23 8.86
C GLU C 134 3.90 16.63 8.32
N THR C 135 2.64 17.04 8.21
CA THR C 135 2.35 18.31 7.57
C THR C 135 2.56 19.49 8.51
N LEU C 136 2.37 19.30 9.82
CA LEU C 136 2.51 20.40 10.77
C LEU C 136 3.82 20.37 11.54
N ALA C 137 4.69 19.39 11.30
CA ALA C 137 5.92 19.28 12.08
C ALA C 137 6.79 20.53 11.95
N GLY C 138 6.73 21.19 10.79
CA GLY C 138 7.53 22.39 10.61
C GLY C 138 7.13 23.54 11.49
N LEU C 139 5.95 23.49 12.09
CA LEU C 139 5.50 24.60 12.91
C LEU C 139 6.07 24.55 14.32
N VAL C 140 6.79 23.50 14.69
CA VAL C 140 7.46 23.46 15.99
C VAL C 140 8.97 23.52 15.76
N PRO C 141 9.74 24.02 16.72
CA PRO C 141 11.18 24.18 16.49
C PRO C 141 11.88 22.83 16.39
N ARG C 142 13.14 22.88 15.93
CA ARG C 142 13.90 21.67 15.74
C ARG C 142 14.08 20.91 17.05
N ASP C 143 14.04 21.62 18.17
CA ASP C 143 14.15 21.01 19.50
C ASP C 143 12.81 20.96 20.21
N GLY C 144 11.71 21.01 19.47
CA GLY C 144 10.40 21.05 20.06
C GLY C 144 9.88 19.67 20.45
N LEU C 145 8.58 19.60 20.66
CA LEU C 145 7.92 18.38 21.09
C LEU C 145 6.72 18.11 20.19
N ILE C 146 6.63 16.88 19.69
CA ILE C 146 5.46 16.38 18.98
C ILE C 146 4.92 15.19 19.75
N GLY C 147 3.69 15.31 20.23
CA GLY C 147 3.01 14.23 20.91
C GLY C 147 1.82 13.78 20.08
N ILE C 148 1.49 12.49 20.18
CA ILE C 148 0.36 11.89 19.47
C ILE C 148 -0.40 11.01 20.45
N MET C 149 -1.73 11.09 20.44
CA MET C 149 -2.51 10.25 21.34
C MET C 149 -2.56 8.83 20.79
N SER C 150 -1.96 7.88 21.52
CA SER C 150 -2.00 6.49 21.12
C SER C 150 -2.91 5.75 22.12
N SER C 151 -2.58 4.49 22.41
CA SER C 151 -3.34 3.72 23.39
C SER C 151 -2.45 2.59 23.91
N GLY C 152 -2.64 2.23 25.18
CA GLY C 152 -2.02 1.00 25.66
C GLY C 152 -2.44 -0.21 24.87
N GLN C 153 -3.59 -0.13 24.19
CA GLN C 153 -4.09 -1.19 23.32
C GLN C 153 -3.22 -1.38 22.10
N GLY C 154 -2.43 -0.38 21.72
CA GLY C 154 -1.55 -0.46 20.59
C GLY C 154 -0.28 -1.24 20.83
N SER C 155 0.05 -1.52 22.10
CA SER C 155 1.22 -2.31 22.45
C SER C 155 1.04 -3.74 21.97
N ILE C 156 1.98 -4.23 21.17
CA ILE C 156 1.92 -5.62 20.76
C ILE C 156 2.43 -6.56 21.85
N ALA C 157 3.55 -6.21 22.51
CA ALA C 157 4.06 -7.08 23.57
C ALA C 157 3.03 -7.27 24.68
N ASP C 158 2.23 -6.24 24.98
CA ASP C 158 1.29 -6.36 26.09
C ASP C 158 0.00 -7.07 25.70
N ASN C 159 -0.24 -7.36 24.42
CA ASN C 159 -1.51 -7.95 24.00
C ASN C 159 -1.52 -9.45 24.28
N GLU C 160 -1.89 -9.80 25.52
CA GLU C 160 -2.10 -11.17 25.92
C GLU C 160 -3.58 -11.54 26.01
N SER C 161 -4.48 -10.57 25.83
CA SER C 161 -5.90 -10.77 26.09
C SER C 161 -6.79 -10.52 24.89
N GLY C 162 -6.27 -9.90 23.83
CA GLY C 162 -7.12 -9.54 22.71
C GLY C 162 -8.16 -8.52 23.13
N GLN C 163 -9.37 -8.67 22.54
CA GLN C 163 -10.47 -7.70 22.64
C GLN C 163 -10.16 -6.42 21.87
N ARG C 164 -11.20 -5.64 21.54
CA ARG C 164 -11.04 -4.41 20.75
C ARG C 164 -10.11 -4.62 19.56
N GLU C 165 -10.37 -5.70 18.81
CA GLU C 165 -9.34 -6.21 17.90
C GLU C 165 -8.96 -5.18 16.83
N LEU C 166 -9.96 -4.59 16.17
CA LEU C 166 -9.65 -3.63 15.11
C LEU C 166 -8.93 -2.42 15.67
N TYR C 167 -9.40 -1.90 16.81
CA TYR C 167 -8.77 -0.75 17.43
C TYR C 167 -7.31 -1.05 17.74
N ARG C 168 -7.01 -2.25 18.26
CA ARG C 168 -5.64 -2.62 18.61
C ARG C 168 -4.71 -2.54 17.42
N GLY C 169 -5.14 -3.09 16.28
CA GLY C 169 -4.31 -3.04 15.08
C GLY C 169 -4.10 -1.62 14.58
N SER C 170 -5.16 -0.79 14.65
CA SER C 170 -5.06 0.60 14.20
C SER C 170 -4.03 1.36 15.02
N LYS C 171 -3.97 1.09 16.33
CA LYS C 171 -2.99 1.81 17.15
C LYS C 171 -1.60 1.21 17.05
N ALA C 172 -1.48 -0.09 16.83
CA ALA C 172 -0.16 -0.67 16.59
C ALA C 172 0.45 -0.13 15.29
N ALA C 173 -0.37 0.01 14.25
CA ALA C 173 0.12 0.62 13.01
C ALA C 173 0.54 2.08 13.26
N LEU C 174 -0.31 2.85 13.97
CA LEU C 174 0.08 4.20 14.35
C LEU C 174 1.46 4.24 15.01
N ASN C 175 1.69 3.37 15.99
CA ASN C 175 2.96 3.42 16.73
C ASN C 175 4.12 3.07 15.84
N GLN C 176 3.93 2.09 14.94
CA GLN C 176 4.99 1.72 14.03
C GLN C 176 5.31 2.86 13.07
N PHE C 177 4.27 3.51 12.53
CA PHE C 177 4.48 4.65 11.65
C PHE C 177 5.27 5.74 12.37
N MET C 178 4.90 6.03 13.61
CA MET C 178 5.60 7.07 14.36
C MET C 178 7.05 6.69 14.61
N ARG C 179 7.35 5.39 14.76
CA ARG C 179 8.76 5.01 14.95
C ARG C 179 9.58 5.29 13.69
N SER C 180 8.98 5.10 12.50
CA SER C 180 9.70 5.41 11.28
C SER C 180 9.88 6.92 11.11
N PHE C 181 8.84 7.70 11.44
CA PHE C 181 9.00 9.15 11.47
C PHE C 181 10.13 9.55 12.40
N ALA C 182 10.19 8.94 13.58
CA ALA C 182 11.25 9.26 14.53
C ALA C 182 12.63 8.91 13.98
N ALA C 183 12.74 7.78 13.27
CA ALA C 183 14.04 7.42 12.70
C ALA C 183 14.52 8.47 11.71
N ARG C 184 13.59 9.07 10.96
CA ARG C 184 13.95 10.14 10.05
C ARG C 184 14.44 11.38 10.78
N HIS C 185 14.17 11.50 12.08
CA HIS C 185 14.64 12.64 12.84
C HIS C 185 15.67 12.25 13.89
N ALA C 186 16.34 11.11 13.71
CA ALA C 186 17.25 10.62 14.72
C ALA C 186 18.50 11.48 14.89
N GLN C 187 18.84 12.31 13.91
CA GLN C 187 20.02 13.17 13.99
C GLN C 187 19.70 14.56 14.53
N THR C 188 18.49 14.78 15.00
CA THR C 188 17.99 16.08 15.47
C THR C 188 17.56 15.97 16.93
N PRO C 189 17.42 17.10 17.65
CA PRO C 189 16.98 17.04 19.05
C PRO C 189 15.47 16.99 19.23
N LEU C 190 14.75 16.56 18.21
CA LEU C 190 13.29 16.58 18.29
C LEU C 190 12.80 15.59 19.36
N ALA C 191 11.88 16.05 20.20
CA ALA C 191 11.23 15.24 21.22
C ALA C 191 9.89 14.74 20.70
N MET C 192 9.63 13.44 20.87
CA MET C 192 8.40 12.82 20.38
C MET C 192 7.86 11.85 21.41
N VAL C 193 6.53 11.82 21.57
CA VAL C 193 5.94 10.90 22.53
C VAL C 193 4.60 10.39 21.99
N LEU C 194 4.41 9.08 22.07
CA LEU C 194 3.11 8.46 21.91
C LEU C 194 2.49 8.28 23.30
N ILE C 195 1.32 8.87 23.52
CA ILE C 195 0.71 8.85 24.85
C ILE C 195 -0.29 7.70 24.96
N ALA C 196 -0.17 6.93 26.03
CA ALA C 196 -1.23 6.01 26.40
C ALA C 196 -1.99 6.63 27.56
N PRO C 197 -3.19 7.17 27.33
CA PRO C 197 -3.85 7.96 28.39
C PRO C 197 -4.41 7.14 29.52
N GLY C 198 -4.56 5.83 29.37
CA GLY C 198 -5.19 5.04 30.40
C GLY C 198 -6.68 4.91 30.14
N TRP C 199 -7.37 4.29 31.09
CA TRP C 199 -8.82 4.08 30.98
C TRP C 199 -9.57 5.39 30.74
N LEU C 211 -8.63 6.63 35.64
CA LEU C 211 -9.97 6.22 35.24
C LEU C 211 -10.71 7.34 34.51
N SER C 212 -11.09 8.38 35.25
CA SER C 212 -11.79 9.52 34.66
C SER C 212 -10.80 10.39 33.89
N ILE C 213 -11.34 11.31 33.08
CA ILE C 213 -10.51 12.25 32.35
C ILE C 213 -9.74 13.14 33.31
N ASP C 214 -10.36 13.50 34.44
CA ASP C 214 -9.75 14.42 35.39
C ASP C 214 -8.54 13.82 36.10
N GLU C 215 -8.39 12.50 36.08
CA GLU C 215 -7.20 11.86 36.64
C GLU C 215 -6.11 11.65 35.60
N SER C 216 -6.51 11.39 34.35
CA SER C 216 -5.56 11.07 33.30
C SER C 216 -4.94 12.32 32.70
N VAL C 217 -5.72 13.38 32.54
CA VAL C 217 -5.26 14.53 31.75
C VAL C 217 -4.16 15.29 32.49
N PRO C 218 -4.28 15.59 33.79
CA PRO C 218 -3.13 16.22 34.47
C PRO C 218 -1.85 15.40 34.31
N GLY C 219 -1.98 14.08 34.31
CA GLY C 219 -0.81 13.24 34.13
C GLY C 219 -0.24 13.36 32.74
N VAL C 220 -1.12 13.33 31.72
CA VAL C 220 -0.64 13.47 30.34
C VAL C 220 0.07 14.80 30.15
N VAL C 221 -0.51 15.88 30.69
CA VAL C 221 0.15 17.17 30.56
C VAL C 221 1.47 17.18 31.34
N ASP C 222 1.52 16.56 32.52
CA ASP C 222 2.78 16.37 33.21
C ASP C 222 3.81 15.69 32.31
N VAL C 223 3.39 14.62 31.63
CA VAL C 223 4.33 13.87 30.80
C VAL C 223 4.83 14.73 29.64
N LEU C 224 3.93 15.46 28.97
CA LEU C 224 4.33 16.29 27.84
C LEU C 224 5.33 17.36 28.26
N LEU C 225 5.07 18.04 29.38
CA LEU C 225 5.97 19.10 29.80
C LEU C 225 7.35 18.57 30.18
N ALA C 226 7.41 17.37 30.76
CA ALA C 226 8.70 16.80 31.17
C ALA C 226 9.43 16.14 30.01
N LYS C 227 8.73 15.80 28.94
CA LYS C 227 9.37 15.21 27.77
C LYS C 227 10.12 16.25 26.94
N ARG C 228 9.71 17.53 27.02
CA ARG C 228 10.39 18.59 26.29
CA ARG C 228 10.39 18.56 26.28
C ARG C 228 11.89 18.58 26.57
N GLY C 229 12.68 18.74 25.52
CA GLY C 229 14.12 18.75 25.63
C GLY C 229 14.77 17.39 25.75
N ARG C 230 13.99 16.31 25.76
CA ARG C 230 14.53 14.95 25.83
C ARG C 230 14.32 14.33 24.44
N ALA C 231 15.35 14.42 23.60
CA ALA C 231 15.21 14.04 22.20
C ALA C 231 14.90 12.56 22.07
N GLY C 232 14.21 12.22 20.99
CA GLY C 232 13.86 10.84 20.69
C GLY C 232 12.39 10.55 20.97
N LEU C 233 11.91 9.46 20.36
CA LEU C 233 10.53 9.06 20.55
C LEU C 233 10.40 8.11 21.75
N GLU C 234 9.43 8.37 22.60
CA GLU C 234 9.08 7.43 23.67
C GLU C 234 7.60 7.11 23.63
N TYR C 235 7.26 5.93 24.15
CA TYR C 235 5.89 5.44 24.30
C TYR C 235 5.63 5.43 25.80
N LEU C 236 4.82 6.38 26.28
CA LEU C 236 4.64 6.60 27.71
C LEU C 236 3.16 6.71 28.04
N ASP C 237 2.78 6.21 29.22
CA ASP C 237 1.40 6.36 29.66
C ASP C 237 1.25 7.64 30.49
N TYR C 238 0.02 7.90 30.96
CA TYR C 238 -0.27 9.15 31.65
C TYR C 238 0.51 9.28 32.96
N ARG C 239 1.10 8.19 33.44
CA ARG C 239 1.91 8.20 34.65
C ARG C 239 3.39 8.32 34.37
N GLY C 240 3.79 8.50 33.11
CA GLY C 240 5.18 8.53 32.74
C GLY C 240 5.84 7.18 32.60
N ARG C 241 5.07 6.09 32.73
CA ARG C 241 5.63 4.75 32.57
CA ARG C 241 5.61 4.75 32.57
C ARG C 241 5.89 4.44 31.11
N THR C 242 7.01 3.78 30.84
CA THR C 242 7.27 3.32 29.49
C THR C 242 6.32 2.17 29.16
N VAL C 243 5.65 2.26 28.02
CA VAL C 243 4.80 1.19 27.53
C VAL C 243 5.61 0.39 26.51
N ARG C 244 5.64 -0.93 26.69
CA ARG C 244 6.35 -1.77 25.73
C ARG C 244 5.74 -1.66 24.35
N TRP C 245 6.58 -1.81 23.33
CA TRP C 245 6.09 -1.65 21.97
C TRP C 245 5.16 -2.81 21.62
#